data_3QH2
#
_entry.id   3QH2
#
_cell.length_a   98.047
_cell.length_b   105.418
_cell.length_c   219.260
_cell.angle_alpha   90.00
_cell.angle_beta   90.00
_cell.angle_gamma   90.00
#
_symmetry.space_group_name_H-M   'C 2 2 21'
#
loop_
_entity.id
_entity.type
_entity.pdbx_description
1 polymer 'Regulatory protein tenI'
2 non-polymer '4-methyl-5-[2-(phosphonooxy)ethyl]-1,3-thiazole-2-carboxylic acid'
3 non-polymer 'SULFATE ION'
4 water water
#
_entity_poly.entity_id   1
_entity_poly.type   'polypeptide(L)'
_entity_poly.pdbx_seq_one_letter_code
;HHHHHHSSGLVPRGSHMELHAITDDSKPVEELARIIITIQNEVDFIHIRERSKSAADILKLLDLIFEGGIDKRKLVMNGR
VDIALFSTIHRVQLPSGSFSPKQIRARFPHLHIGRSVHSLEEAVQAEKEDADYVLFGHVFETDCKKGLEGRGVSLLSDIK
QRISIPVIAIGGMTPDRLRDVKQAGADGIAVMSGIFSSAEPLEAARRYSRKLKEMRYEKAL
;
_entity_poly.pdbx_strand_id   A,B,C,D
#
# COMPACT_ATOMS: atom_id res chain seq x y z
N SER A 15 21.01 -11.42 14.68
CA SER A 15 20.51 -12.50 13.76
C SER A 15 19.66 -11.90 12.64
N HIS A 16 19.14 -10.70 12.85
CA HIS A 16 18.28 -10.04 11.87
C HIS A 16 19.10 -9.35 10.77
N MET A 17 18.88 -9.74 9.53
CA MET A 17 19.55 -9.14 8.39
C MET A 17 18.60 -8.19 7.69
N GLU A 18 19.04 -6.96 7.44
CA GLU A 18 18.22 -5.93 6.78
C GLU A 18 18.09 -6.14 5.27
N LEU A 19 16.96 -5.76 4.70
CA LEU A 19 16.76 -5.84 3.24
C LEU A 19 16.48 -4.42 2.70
N HIS A 20 17.41 -3.91 1.89
CA HIS A 20 17.29 -2.58 1.31
C HIS A 20 16.96 -2.72 -0.17
N ALA A 21 15.83 -2.17 -0.60
CA ALA A 21 15.49 -2.06 -2.02
C ALA A 21 15.99 -0.71 -2.59
N ILE A 22 16.61 -0.74 -3.76
CA ILE A 22 17.20 0.45 -4.39
C ILE A 22 16.48 0.74 -5.73
N THR A 23 15.85 1.92 -5.88
CA THR A 23 15.12 2.23 -7.12
C THR A 23 16.11 2.28 -8.30
N ASP A 24 15.60 2.18 -9.53
CA ASP A 24 16.47 1.85 -10.68
C ASP A 24 16.60 2.93 -11.74
N ASP A 25 16.13 4.13 -11.45
CA ASP A 25 16.33 5.25 -12.35
C ASP A 25 15.92 4.91 -13.80
N SER A 26 14.79 4.21 -13.99
CA SER A 26 14.31 3.81 -15.32
C SER A 26 12.81 4.04 -15.62
N LYS A 27 12.01 4.46 -14.63
CA LYS A 27 10.56 4.40 -14.78
C LYS A 27 9.94 5.77 -14.59
N PRO A 28 8.81 6.04 -15.27
CA PRO A 28 8.06 7.27 -15.03
C PRO A 28 7.64 7.31 -13.56
N VAL A 29 7.44 8.50 -12.96
CA VAL A 29 7.21 8.56 -11.50
C VAL A 29 5.94 7.84 -11.05
N GLU A 30 4.87 7.92 -11.86
CA GLU A 30 3.60 7.26 -11.54
C GLU A 30 3.75 5.74 -11.36
N GLU A 31 4.47 5.10 -12.27
CA GLU A 31 4.73 3.68 -12.20
C GLU A 31 5.63 3.36 -10.99
N LEU A 32 6.68 4.16 -10.78
CA LEU A 32 7.61 3.90 -9.70
C LEU A 32 6.91 4.03 -8.34
N ALA A 33 6.02 5.01 -8.21
CA ALA A 33 5.24 5.21 -6.98
C ALA A 33 4.41 3.97 -6.65
N ARG A 34 3.72 3.43 -7.66
CA ARG A 34 2.89 2.23 -7.45
C ARG A 34 3.75 1.08 -6.95
N ILE A 35 4.91 0.88 -7.55
CA ILE A 35 5.77 -0.22 -7.14
C ILE A 35 6.23 -0.06 -5.69
N ILE A 36 6.66 1.14 -5.35
CA ILE A 36 7.16 1.42 -4.01
C ILE A 36 6.07 1.11 -2.95
N ILE A 37 4.84 1.52 -3.20
CA ILE A 37 3.74 1.24 -2.28
C ILE A 37 3.45 -0.27 -2.12
N THR A 38 3.45 -1.03 -3.20
CA THR A 38 3.17 -2.46 -3.10
C THR A 38 4.24 -3.24 -2.32
N ILE A 39 5.51 -2.83 -2.38
CA ILE A 39 6.57 -3.60 -1.74
C ILE A 39 6.92 -3.17 -0.32
N GLN A 40 6.29 -2.11 0.18
CA GLN A 40 6.76 -1.48 1.42
C GLN A 40 6.80 -2.43 2.65
N ASN A 41 5.91 -3.42 2.73
CA ASN A 41 5.91 -4.30 3.89
C ASN A 41 6.86 -5.47 3.81
N GLU A 42 7.51 -5.63 2.67
CA GLU A 42 8.38 -6.78 2.44
C GLU A 42 9.86 -6.39 2.63
N VAL A 43 10.15 -5.09 2.73
CA VAL A 43 11.53 -4.64 2.89
C VAL A 43 11.71 -3.72 4.10
N ASP A 44 12.95 -3.52 4.54
CA ASP A 44 13.22 -2.63 5.67
C ASP A 44 13.44 -1.18 5.26
N PHE A 45 14.06 -0.96 4.09
CA PHE A 45 14.34 0.40 3.61
C PHE A 45 14.21 0.46 2.09
N ILE A 46 13.83 1.64 1.58
CA ILE A 46 13.77 1.91 0.14
C ILE A 46 14.60 3.14 -0.18
N HIS A 47 15.66 2.97 -0.97
CA HIS A 47 16.56 4.07 -1.34
C HIS A 47 16.07 4.70 -2.64
N ILE A 48 15.73 5.99 -2.58
CA ILE A 48 15.36 6.73 -3.78
C ILE A 48 16.63 7.20 -4.49
N ARG A 49 16.90 6.62 -5.66
CA ARG A 49 18.17 6.83 -6.37
C ARG A 49 17.86 7.10 -7.85
N GLU A 50 17.06 8.13 -8.09
CA GLU A 50 16.67 8.50 -9.44
C GLU A 50 17.62 9.59 -9.95
N ARG A 51 18.85 9.15 -10.24
CA ARG A 51 19.97 9.99 -10.65
CA ARG A 51 19.93 10.03 -10.61
C ARG A 51 19.65 10.94 -11.82
N SER A 52 18.85 10.46 -12.77
CA SER A 52 18.53 11.23 -13.98
C SER A 52 17.32 12.15 -13.88
N LYS A 53 16.61 12.15 -12.75
CA LYS A 53 15.43 12.97 -12.65
C LYS A 53 15.76 14.27 -11.92
N SER A 54 15.03 15.31 -12.26
CA SER A 54 15.13 16.61 -11.55
C SER A 54 14.51 16.57 -10.14
N ALA A 55 14.88 17.56 -9.33
CA ALA A 55 14.24 17.80 -8.04
C ALA A 55 12.73 17.85 -8.15
N ALA A 56 12.21 18.59 -9.13
CA ALA A 56 10.75 18.73 -9.32
C ALA A 56 10.06 17.38 -9.52
N ASP A 57 10.69 16.49 -10.30
CA ASP A 57 10.15 15.15 -10.54
C ASP A 57 10.26 14.24 -9.31
N ILE A 58 11.38 14.30 -8.62
CA ILE A 58 11.54 13.51 -7.40
C ILE A 58 10.52 13.97 -6.33
N LEU A 59 10.34 15.27 -6.18
CA LEU A 59 9.35 15.77 -5.20
C LEU A 59 7.94 15.34 -5.59
N LYS A 60 7.69 15.20 -6.89
CA LYS A 60 6.39 14.68 -7.37
C LYS A 60 6.23 13.19 -7.02
N LEU A 61 7.32 12.44 -7.15
CA LEU A 61 7.33 11.05 -6.70
C LEU A 61 7.01 10.98 -5.20
N LEU A 62 7.61 11.84 -4.39
CA LEU A 62 7.43 11.74 -2.94
C LEU A 62 5.99 12.09 -2.56
N ASP A 63 5.44 13.12 -3.18
CA ASP A 63 4.01 13.43 -3.01
C ASP A 63 3.08 12.24 -3.33
N LEU A 64 3.31 11.59 -4.47
CA LEU A 64 2.56 10.39 -4.83
C LEU A 64 2.67 9.28 -3.77
N ILE A 65 3.87 8.97 -3.27
CA ILE A 65 3.94 7.90 -2.27
C ILE A 65 3.43 8.36 -0.88
N PHE A 66 3.57 9.63 -0.52
CA PHE A 66 2.99 10.15 0.75
C PHE A 66 1.45 10.08 0.72
N GLU A 67 0.84 10.44 -0.41
CA GLU A 67 -0.60 10.33 -0.57
C GLU A 67 -1.04 8.89 -0.75
N GLY A 68 -0.11 8.01 -1.09
CA GLY A 68 -0.42 6.59 -1.23
C GLY A 68 -0.34 5.85 0.10
N GLY A 69 0.17 6.53 1.12
CA GLY A 69 0.19 6.02 2.47
C GLY A 69 1.51 5.48 3.03
N ILE A 70 2.61 5.59 2.29
CA ILE A 70 3.94 5.08 2.73
C ILE A 70 4.35 5.48 4.15
N ASP A 71 5.08 4.60 4.82
CA ASP A 71 5.75 4.92 6.09
C ASP A 71 7.09 5.63 5.81
N LYS A 72 7.17 6.92 6.10
CA LYS A 72 8.37 7.73 5.84
C LYS A 72 9.68 7.24 6.50
N ARG A 73 9.60 6.50 7.60
CA ARG A 73 10.81 6.06 8.30
C ARG A 73 11.57 4.99 7.52
N LYS A 74 10.93 4.41 6.52
CA LYS A 74 11.59 3.47 5.65
C LYS A 74 12.36 4.11 4.49
N LEU A 75 12.21 5.43 4.30
CA LEU A 75 12.77 6.07 3.11
C LEU A 75 14.20 6.57 3.30
N VAL A 76 15.03 6.32 2.29
CA VAL A 76 16.40 6.82 2.28
C VAL A 76 16.65 7.64 1.01
N MET A 77 17.16 8.87 1.12
CA MET A 77 17.47 9.65 -0.09
C MET A 77 18.93 9.42 -0.49
N ASN A 78 19.14 8.96 -1.71
CA ASN A 78 20.50 8.84 -2.21
C ASN A 78 20.95 10.17 -2.85
N GLY A 79 22.09 10.70 -2.42
CA GLY A 79 22.70 11.87 -3.06
C GLY A 79 22.09 13.22 -2.67
N ARG A 80 20.77 13.36 -2.78
CA ARG A 80 20.11 14.66 -2.66
C ARG A 80 19.79 15.01 -1.20
N VAL A 81 20.77 15.55 -0.49
CA VAL A 81 20.59 15.90 0.91
C VAL A 81 19.54 17.03 1.04
N ASP A 82 19.49 17.95 0.07
CA ASP A 82 18.47 19.02 0.09
C ASP A 82 17.04 18.48 0.04
N ILE A 83 16.78 17.50 -0.82
CA ILE A 83 15.45 16.90 -0.89
C ILE A 83 15.10 16.19 0.42
N ALA A 84 16.02 15.39 0.96
CA ALA A 84 15.74 14.71 2.24
C ALA A 84 15.33 15.73 3.30
N LEU A 85 16.09 16.81 3.41
CA LEU A 85 15.90 17.79 4.45
C LEU A 85 14.53 18.46 4.36
N PHE A 86 14.14 18.89 3.16
CA PHE A 86 12.89 19.62 3.02
C PHE A 86 11.68 18.71 2.85
N SER A 87 11.90 17.39 2.86
CA SER A 87 10.81 16.40 2.84
C SER A 87 10.63 15.64 4.17
N THR A 88 11.33 16.06 5.22
CA THR A 88 11.37 15.34 6.49
C THR A 88 11.68 13.83 6.33
N ILE A 89 12.61 13.52 5.43
CA ILE A 89 13.24 12.22 5.40
C ILE A 89 14.53 12.30 6.24
N HIS A 90 14.72 11.37 7.17
CA HIS A 90 15.83 11.46 8.13
C HIS A 90 17.05 10.59 7.76
N ARG A 91 17.08 10.01 6.57
CA ARG A 91 18.17 9.09 6.26
C ARG A 91 18.73 9.41 4.89
N VAL A 92 20.04 9.58 4.80
CA VAL A 92 20.67 9.83 3.50
C VAL A 92 21.81 8.84 3.21
N GLN A 93 22.02 8.56 1.92
CA GLN A 93 23.10 7.69 1.48
C GLN A 93 24.04 8.52 0.58
N LEU A 94 25.32 8.58 0.93
CA LEU A 94 26.27 9.49 0.25
C LEU A 94 27.18 8.75 -0.73
N PRO A 95 27.10 9.09 -2.03
CA PRO A 95 28.00 8.49 -3.02
C PRO A 95 29.50 8.81 -2.80
N SER A 96 30.33 7.90 -3.30
CA SER A 96 31.77 8.10 -3.35
C SER A 96 32.12 9.41 -4.09
N GLY A 97 32.92 10.27 -3.47
CA GLY A 97 33.37 11.51 -4.09
C GLY A 97 32.43 12.69 -3.82
N SER A 98 31.40 12.48 -3.01
CA SER A 98 30.47 13.55 -2.72
C SER A 98 30.74 14.10 -1.30
N PHE A 99 29.70 14.60 -0.60
CA PHE A 99 29.90 15.26 0.69
C PHE A 99 30.53 14.29 1.69
N SER A 100 31.28 14.82 2.66
CA SER A 100 31.74 13.92 3.73
C SER A 100 30.66 13.87 4.81
N PRO A 101 30.62 12.77 5.58
CA PRO A 101 29.62 12.66 6.63
C PRO A 101 29.80 13.75 7.67
N LYS A 102 31.04 14.17 7.92
CA LYS A 102 31.32 15.21 8.90
C LYS A 102 30.62 16.52 8.56
N GLN A 103 30.73 16.94 7.29
CA GLN A 103 30.03 18.13 6.77
C GLN A 103 28.55 18.04 7.03
N ILE A 104 27.97 16.91 6.64
CA ILE A 104 26.53 16.70 6.78
C ILE A 104 26.16 16.80 8.24
N ARG A 105 26.93 16.13 9.11
CA ARG A 105 26.52 16.06 10.50
C ARG A 105 26.65 17.42 11.22
N ALA A 106 27.59 18.27 10.80
CA ALA A 106 27.71 19.60 11.40
C ALA A 106 26.47 20.46 11.15
N ARG A 107 25.87 20.36 9.95
CA ARG A 107 24.68 21.18 9.63
C ARG A 107 23.33 20.51 9.97
N PHE A 108 23.26 19.19 9.83
CA PHE A 108 21.99 18.46 10.04
C PHE A 108 22.20 17.26 10.93
N PRO A 109 22.52 17.48 12.21
CA PRO A 109 22.92 16.39 13.10
C PRO A 109 21.84 15.32 13.37
N HIS A 110 20.59 15.60 13.05
CA HIS A 110 19.50 14.64 13.18
C HIS A 110 19.44 13.55 12.07
N LEU A 111 20.28 13.64 11.04
CA LEU A 111 20.23 12.66 9.94
C LEU A 111 21.03 11.39 10.25
N HIS A 112 20.52 10.23 9.85
CA HIS A 112 21.30 8.99 9.87
CA HIS A 112 21.31 9.00 9.88
C HIS A 112 22.07 8.92 8.54
N ILE A 113 23.38 8.69 8.58
CA ILE A 113 24.21 8.85 7.38
C ILE A 113 24.91 7.58 6.90
N GLY A 114 24.63 7.14 5.68
CA GLY A 114 25.33 6.01 5.06
C GLY A 114 26.36 6.45 4.02
N ARG A 115 27.46 5.71 3.84
CA ARG A 115 28.40 5.95 2.75
C ARG A 115 28.53 4.73 1.83
N SER A 116 28.54 4.97 0.52
CA SER A 116 28.84 3.93 -0.48
C SER A 116 30.33 3.79 -0.71
N VAL A 117 30.86 2.59 -0.50
CA VAL A 117 32.32 2.38 -0.55
C VAL A 117 32.62 1.18 -1.44
N HIS A 118 33.84 1.16 -2.02
CA HIS A 118 34.19 0.19 -3.06
C HIS A 118 35.55 -0.48 -2.82
N SER A 119 36.14 -0.28 -1.65
CA SER A 119 37.42 -0.89 -1.33
C SER A 119 37.51 -0.91 0.16
N LEU A 120 38.46 -1.69 0.67
CA LEU A 120 38.69 -1.80 2.11
C LEU A 120 39.14 -0.47 2.71
N GLU A 121 40.01 0.23 2.01
CA GLU A 121 40.54 1.49 2.51
C GLU A 121 39.47 2.60 2.54
N GLU A 122 38.61 2.63 1.53
CA GLU A 122 37.49 3.58 1.55
C GLU A 122 36.51 3.24 2.68
N ALA A 123 36.26 1.95 2.94
CA ALA A 123 35.45 1.58 4.12
C ALA A 123 36.06 2.07 5.44
N VAL A 124 37.36 1.83 5.62
CA VAL A 124 38.03 2.25 6.85
C VAL A 124 37.93 3.77 7.01
N GLN A 125 38.16 4.49 5.93
CA GLN A 125 38.06 5.95 5.95
C GLN A 125 36.64 6.42 6.30
N ALA A 126 35.63 5.79 5.73
CA ALA A 126 34.25 6.18 6.00
C ALA A 126 33.95 6.12 7.49
N GLU A 127 34.47 5.10 8.18
CA GLU A 127 34.23 4.97 9.63
C GLU A 127 34.95 6.10 10.40
N LYS A 128 36.16 6.44 9.95
CA LYS A 128 36.88 7.54 10.58
C LYS A 128 36.15 8.88 10.42
N GLU A 129 35.51 9.10 9.27
CA GLU A 129 34.78 10.36 9.01
C GLU A 129 33.37 10.33 9.61
N ASP A 130 33.13 9.32 10.44
CA ASP A 130 31.91 9.20 11.24
C ASP A 130 30.61 8.84 10.50
N ALA A 131 30.69 8.09 9.42
CA ALA A 131 29.48 7.44 8.86
C ALA A 131 28.79 6.53 9.89
N ASP A 132 27.46 6.39 9.83
CA ASP A 132 26.76 5.39 10.66
C ASP A 132 26.82 3.94 10.11
N TYR A 133 26.96 3.78 8.79
CA TYR A 133 27.01 2.43 8.18
C TYR A 133 27.53 2.60 6.76
N VAL A 134 27.96 1.50 6.13
CA VAL A 134 28.37 1.55 4.73
C VAL A 134 27.61 0.56 3.85
N LEU A 135 27.51 0.91 2.56
CA LEU A 135 27.12 -0.05 1.52
C LEU A 135 28.39 -0.40 0.79
N PHE A 136 28.75 -1.67 0.79
CA PHE A 136 29.93 -2.14 0.08
C PHE A 136 29.54 -2.97 -1.14
N GLY A 137 30.11 -2.65 -2.29
CA GLY A 137 29.90 -3.42 -3.51
C GLY A 137 30.96 -3.12 -4.57
N HIS A 138 30.91 -3.80 -5.71
CA HIS A 138 29.93 -4.87 -6.00
C HIS A 138 30.51 -6.16 -5.49
N VAL A 139 29.73 -6.97 -4.77
CA VAL A 139 30.27 -8.21 -4.22
C VAL A 139 30.39 -9.29 -5.33
N PHE A 140 29.42 -9.35 -6.23
CA PHE A 140 29.41 -10.38 -7.27
C PHE A 140 29.42 -9.75 -8.66
N GLY A 150 33.99 -14.98 -5.76
CA GLY A 150 34.84 -15.29 -4.63
C GLY A 150 35.60 -14.09 -4.06
N ARG A 151 36.06 -13.21 -4.94
CA ARG A 151 36.88 -12.06 -4.53
C ARG A 151 36.08 -11.02 -3.72
N GLY A 152 34.84 -10.77 -4.14
CA GLY A 152 33.97 -9.83 -3.47
C GLY A 152 33.67 -10.24 -2.04
N VAL A 153 33.30 -11.52 -1.86
CA VAL A 153 32.87 -12.02 -0.54
C VAL A 153 34.03 -12.02 0.46
N SER A 154 35.20 -12.40 -0.01
CA SER A 154 36.41 -12.36 0.79
C SER A 154 36.70 -10.94 1.30
N LEU A 155 36.56 -9.95 0.41
CA LEU A 155 36.76 -8.54 0.77
C LEU A 155 35.71 -8.08 1.80
N LEU A 156 34.47 -8.53 1.63
CA LEU A 156 33.39 -8.24 2.58
C LEU A 156 33.76 -8.75 3.96
N SER A 157 34.27 -9.96 3.99
CA SER A 157 34.67 -10.59 5.25
C SER A 157 35.80 -9.81 5.91
N ASP A 158 36.76 -9.34 5.11
CA ASP A 158 37.91 -8.59 5.63
C ASP A 158 37.46 -7.23 6.21
N ILE A 159 36.52 -6.57 5.53
CA ILE A 159 35.98 -5.30 6.00
C ILE A 159 35.25 -5.44 7.35
N LYS A 160 34.45 -6.51 7.49
CA LYS A 160 33.71 -6.79 8.73
C LYS A 160 34.62 -6.96 9.98
N GLN A 161 35.90 -7.28 9.78
CA GLN A 161 36.82 -7.32 10.92
C GLN A 161 37.49 -5.97 11.10
N ARG A 162 37.65 -5.25 10.00
CA ARG A 162 38.37 -3.98 10.01
C ARG A 162 37.58 -2.82 10.64
N ILE A 163 36.26 -2.76 10.42
CA ILE A 163 35.44 -1.65 10.97
C ILE A 163 34.34 -2.19 11.86
N SER A 164 33.78 -1.35 12.72
CA SER A 164 32.74 -1.83 13.60
C SER A 164 31.37 -1.21 13.37
N ILE A 165 31.19 -0.48 12.27
CA ILE A 165 29.83 -0.04 11.87
C ILE A 165 29.23 -1.06 10.88
N PRO A 166 27.89 -1.13 10.80
CA PRO A 166 27.27 -2.15 9.94
C PRO A 166 27.64 -2.04 8.44
N VAL A 167 27.72 -3.19 7.78
CA VAL A 167 28.05 -3.28 6.36
C VAL A 167 26.88 -3.92 5.58
N ILE A 168 26.27 -3.17 4.66
CA ILE A 168 25.23 -3.70 3.77
C ILE A 168 25.86 -4.10 2.43
N ALA A 169 25.72 -5.36 2.03
CA ALA A 169 26.34 -5.84 0.79
C ALA A 169 25.49 -5.54 -0.45
N ILE A 170 26.10 -5.07 -1.52
CA ILE A 170 25.36 -4.80 -2.76
C ILE A 170 26.12 -5.30 -4.00
N GLY A 171 25.37 -5.65 -5.04
CA GLY A 171 25.96 -6.04 -6.32
C GLY A 171 25.73 -7.51 -6.65
N GLY A 172 24.73 -7.78 -7.49
CA GLY A 172 24.42 -9.16 -7.86
C GLY A 172 23.73 -9.98 -6.77
N MET A 173 23.09 -9.34 -5.80
CA MET A 173 22.39 -10.09 -4.76
C MET A 173 21.16 -10.82 -5.33
N THR A 174 21.14 -12.15 -5.18
CA THR A 174 20.01 -13.01 -5.54
C THR A 174 19.72 -13.95 -4.36
N PRO A 175 18.49 -14.52 -4.29
CA PRO A 175 18.17 -15.39 -3.13
C PRO A 175 19.16 -16.53 -2.89
N ASP A 176 19.69 -17.12 -3.96
CA ASP A 176 20.57 -18.27 -3.84
C ASP A 176 21.96 -17.89 -3.33
N ARG A 177 22.28 -16.60 -3.35
CA ARG A 177 23.59 -16.15 -2.87
C ARG A 177 23.53 -15.61 -1.46
N LEU A 178 22.35 -15.64 -0.83
CA LEU A 178 22.18 -14.94 0.44
C LEU A 178 22.90 -15.61 1.63
N ARG A 179 23.03 -16.93 1.62
CA ARG A 179 23.67 -17.67 2.72
C ARG A 179 25.16 -17.37 2.80
N ASP A 180 25.84 -17.39 1.66
CA ASP A 180 27.25 -17.04 1.62
C ASP A 180 27.51 -15.63 2.19
N VAL A 181 26.67 -14.67 1.79
CA VAL A 181 26.85 -13.29 2.19
C VAL A 181 26.63 -13.16 3.70
N LYS A 182 25.60 -13.83 4.20
CA LYS A 182 25.28 -13.77 5.61
C LYS A 182 26.39 -14.45 6.45
N GLN A 183 26.83 -15.63 6.03
CA GLN A 183 27.89 -16.34 6.75
C GLN A 183 29.15 -15.50 6.83
N ALA A 184 29.42 -14.74 5.77
CA ALA A 184 30.61 -13.88 5.73
C ALA A 184 30.51 -12.63 6.64
N GLY A 185 29.35 -12.37 7.24
CA GLY A 185 29.23 -11.26 8.19
C GLY A 185 28.39 -10.04 7.81
N ALA A 186 27.85 -9.99 6.59
CA ALA A 186 27.02 -8.85 6.19
C ALA A 186 25.85 -8.64 7.17
N ASP A 187 25.59 -7.37 7.48
CA ASP A 187 24.48 -6.97 8.34
C ASP A 187 23.19 -6.79 7.55
N GLY A 188 23.29 -6.83 6.22
CA GLY A 188 22.15 -6.63 5.34
C GLY A 188 22.56 -6.78 3.87
N ILE A 189 21.57 -6.74 2.97
CA ILE A 189 21.84 -6.75 1.52
C ILE A 189 20.95 -5.72 0.81
N ALA A 190 21.43 -5.22 -0.31
CA ALA A 190 20.75 -4.19 -1.06
C ALA A 190 20.45 -4.78 -2.42
N VAL A 191 19.27 -4.50 -2.96
CA VAL A 191 18.83 -5.12 -4.20
C VAL A 191 18.20 -4.09 -5.13
N MET A 192 18.67 -4.03 -6.38
CA MET A 192 18.07 -3.13 -7.37
C MET A 192 17.29 -3.95 -8.40
N SER A 193 17.97 -4.54 -9.38
CA SER A 193 17.29 -5.18 -10.52
C SER A 193 16.52 -6.45 -10.13
N GLY A 194 16.98 -7.18 -9.12
CA GLY A 194 16.27 -8.36 -8.65
C GLY A 194 14.82 -8.02 -8.27
N ILE A 195 14.55 -6.77 -7.89
CA ILE A 195 13.19 -6.39 -7.52
C ILE A 195 12.55 -5.52 -8.62
N PHE A 196 13.21 -4.45 -9.03
CA PHE A 196 12.57 -3.43 -9.87
C PHE A 196 12.53 -3.83 -11.35
N SER A 197 13.28 -4.87 -11.72
CA SER A 197 13.25 -5.38 -13.10
C SER A 197 12.39 -6.61 -13.22
N SER A 198 11.62 -6.90 -12.18
CA SER A 198 10.78 -8.09 -12.18
C SER A 198 9.43 -7.79 -12.82
N ALA A 199 8.77 -8.85 -13.30
CA ALA A 199 7.42 -8.75 -13.79
C ALA A 199 6.49 -8.52 -12.61
N GLU A 200 6.87 -9.10 -11.47
CA GLU A 200 6.10 -8.98 -10.23
C GLU A 200 7.01 -8.56 -9.05
N PRO A 201 7.24 -7.26 -8.90
CA PRO A 201 8.16 -6.77 -7.85
C PRO A 201 7.83 -7.24 -6.43
N LEU A 202 6.56 -7.34 -6.07
CA LEU A 202 6.19 -7.85 -4.74
C LEU A 202 6.59 -9.32 -4.56
N GLU A 203 6.34 -10.14 -5.57
CA GLU A 203 6.73 -11.55 -5.48
C GLU A 203 8.27 -11.70 -5.48
N ALA A 204 8.98 -10.88 -6.25
CA ALA A 204 10.45 -10.85 -6.18
C ALA A 204 10.91 -10.52 -4.75
N ALA A 205 10.34 -9.48 -4.14
CA ALA A 205 10.76 -9.07 -2.79
C ALA A 205 10.52 -10.20 -1.76
N ARG A 206 9.36 -10.85 -1.87
CA ARG A 206 9.04 -12.01 -1.03
C ARG A 206 10.07 -13.14 -1.11
N ARG A 207 10.60 -13.41 -2.29
CA ARG A 207 11.63 -14.44 -2.42
C ARG A 207 12.85 -14.08 -1.53
N TYR A 208 13.23 -12.80 -1.51
CA TYR A 208 14.35 -12.39 -0.66
C TYR A 208 14.00 -12.48 0.81
N SER A 209 12.81 -12.02 1.20
CA SER A 209 12.47 -12.02 2.63
C SER A 209 12.20 -13.42 3.18
N ARG A 210 11.60 -14.30 2.38
CA ARG A 210 11.38 -15.68 2.80
C ARG A 210 12.71 -16.37 3.08
N LYS A 211 13.65 -16.19 2.17
CA LYS A 211 14.95 -16.82 2.34
C LYS A 211 15.67 -16.27 3.58
N LEU A 212 15.57 -14.97 3.85
CA LEU A 212 16.17 -14.39 5.06
C LEU A 212 15.55 -14.99 6.33
N LYS A 213 14.23 -15.13 6.34
CA LYS A 213 13.50 -15.70 7.46
C LYS A 213 13.94 -17.14 7.72
N GLU A 214 13.98 -17.97 6.68
CA GLU A 214 14.44 -19.35 6.82
C GLU A 214 15.80 -19.41 7.49
N MET A 215 16.69 -18.53 7.06
CA MET A 215 18.05 -18.56 7.57
C MET A 215 18.08 -18.19 9.04
N ARG A 216 17.27 -17.23 9.45
CA ARG A 216 17.23 -16.85 10.85
C ARG A 216 16.73 -18.00 11.72
N TYR A 217 15.76 -18.75 11.21
CA TYR A 217 15.11 -19.80 11.99
C TYR A 217 15.92 -21.11 11.98
N GLU A 218 16.77 -21.29 10.97
CA GLU A 218 17.55 -22.51 10.84
C GLU A 218 18.89 -22.38 11.56
N HIS B 16 21.56 50.39 -16.18
CA HIS B 16 22.56 49.28 -16.24
C HIS B 16 21.88 47.91 -16.25
N MET B 17 22.29 47.06 -17.19
CA MET B 17 21.70 45.75 -17.35
C MET B 17 22.70 44.62 -17.10
N GLU B 18 22.32 43.71 -16.20
CA GLU B 18 23.18 42.58 -15.81
C GLU B 18 23.25 41.58 -16.94
N LEU B 19 24.39 40.91 -17.04
CA LEU B 19 24.55 39.80 -17.97
C LEU B 19 24.88 38.53 -17.17
N HIS B 20 23.98 37.55 -17.25
CA HIS B 20 24.17 36.25 -16.61
C HIS B 20 24.56 35.17 -17.62
N ALA B 21 25.68 34.48 -17.38
CA ALA B 21 26.09 33.36 -18.23
C ALA B 21 25.61 32.05 -17.60
N ILE B 22 25.06 31.14 -18.42
CA ILE B 22 24.43 29.89 -17.93
C ILE B 22 25.17 28.68 -18.53
N THR B 23 25.76 27.82 -17.70
CA THR B 23 26.53 26.70 -18.27
C THR B 23 25.59 25.73 -19.03
N ASP B 24 26.12 24.91 -19.94
CA ASP B 24 25.29 24.28 -20.95
C ASP B 24 25.15 22.75 -20.83
N ASP B 25 25.58 22.18 -19.69
CA ASP B 25 25.38 20.78 -19.40
C ASP B 25 25.85 19.88 -20.53
N SER B 26 27.00 20.21 -21.14
CA SER B 26 27.43 19.49 -22.34
C SER B 26 28.92 19.14 -22.41
N LYS B 27 29.73 19.66 -21.50
CA LYS B 27 31.18 19.53 -21.65
C LYS B 27 31.81 18.80 -20.47
N PRO B 28 32.95 18.14 -20.70
CA PRO B 28 33.67 17.57 -19.57
C PRO B 28 34.11 18.70 -18.60
N VAL B 29 34.24 18.42 -17.30
CA VAL B 29 34.51 19.49 -16.32
C VAL B 29 35.78 20.30 -16.58
N GLU B 30 36.83 19.67 -17.11
CA GLU B 30 38.09 20.38 -17.30
C GLU B 30 37.93 21.49 -18.34
N GLU B 31 37.25 21.17 -19.44
CA GLU B 31 37.00 22.15 -20.51
C GLU B 31 36.07 23.25 -20.01
N LEU B 32 35.03 22.87 -19.27
CA LEU B 32 34.06 23.85 -18.77
C LEU B 32 34.74 24.79 -17.80
N ALA B 33 35.61 24.24 -16.95
CA ALA B 33 36.35 25.05 -15.97
C ALA B 33 37.20 26.15 -16.64
N ARG B 34 37.89 25.78 -17.72
CA ARG B 34 38.71 26.74 -18.47
C ARG B 34 37.87 27.88 -19.02
N ILE B 35 36.72 27.54 -19.61
CA ILE B 35 35.84 28.54 -20.19
C ILE B 35 35.35 29.49 -19.12
N ILE B 36 34.95 28.93 -17.97
CA ILE B 36 34.47 29.75 -16.88
C ILE B 36 35.52 30.77 -16.41
N ILE B 37 36.76 30.34 -16.29
CA ILE B 37 37.83 31.23 -15.81
C ILE B 37 38.07 32.35 -16.84
N THR B 38 38.07 31.98 -18.11
CA THR B 38 38.26 32.92 -19.20
C THR B 38 37.22 34.06 -19.31
N ILE B 39 35.95 33.76 -19.08
CA ILE B 39 34.90 34.76 -19.37
C ILE B 39 34.49 35.58 -18.16
N GLN B 40 35.12 35.35 -17.01
CA GLN B 40 34.58 35.85 -15.74
C GLN B 40 34.49 37.39 -15.65
N ASN B 41 35.41 38.11 -16.29
CA ASN B 41 35.39 39.59 -16.21
C ASN B 41 34.49 40.24 -17.25
N GLU B 42 33.86 39.43 -18.09
CA GLU B 42 32.98 39.93 -19.13
C GLU B 42 31.51 39.79 -18.69
N VAL B 43 31.25 39.05 -17.61
CA VAL B 43 29.88 38.83 -17.16
C VAL B 43 29.70 39.19 -15.68
N ASP B 44 28.45 39.40 -15.27
CA ASP B 44 28.14 39.69 -13.86
C ASP B 44 27.92 38.43 -12.99
N PHE B 45 27.30 37.40 -13.55
CA PHE B 45 27.04 36.15 -12.80
C PHE B 45 27.22 34.94 -13.71
N ILE B 46 27.61 33.83 -13.11
CA ILE B 46 27.72 32.55 -13.81
C ILE B 46 26.87 31.50 -13.06
N HIS B 47 25.84 30.99 -13.73
CA HIS B 47 24.99 29.96 -13.12
C HIS B 47 25.54 28.56 -13.46
N ILE B 48 25.85 27.76 -12.44
CA ILE B 48 26.26 26.38 -12.66
C ILE B 48 25.01 25.51 -12.82
N ARG B 49 24.74 25.05 -14.03
CA ARG B 49 23.49 24.34 -14.34
C ARG B 49 23.82 23.01 -15.05
N GLU B 50 24.64 22.19 -14.41
CA GLU B 50 25.07 20.92 -15.01
C GLU B 50 24.11 19.80 -14.56
N ARG B 51 22.87 19.87 -15.05
CA ARG B 51 21.76 19.00 -14.61
C ARG B 51 22.09 17.51 -14.63
N SER B 52 22.83 17.07 -15.64
CA SER B 52 23.03 15.66 -15.83
C SER B 52 24.37 15.14 -15.27
N LYS B 53 25.08 15.98 -14.52
CA LYS B 53 26.27 15.54 -13.75
C LYS B 53 25.92 15.21 -12.30
N SER B 54 26.68 14.29 -11.71
CA SER B 54 26.52 13.92 -10.29
C SER B 54 27.16 14.98 -9.41
N ALA B 55 26.80 14.98 -8.14
CA ALA B 55 27.41 15.89 -7.17
C ALA B 55 28.93 15.72 -7.13
N ALA B 56 29.41 14.49 -7.27
CA ALA B 56 30.86 14.26 -7.27
C ALA B 56 31.56 15.02 -8.43
N ASP B 57 30.93 15.03 -9.60
CA ASP B 57 31.50 15.72 -10.75
C ASP B 57 31.38 17.25 -10.62
N ILE B 58 30.26 17.73 -10.09
CA ILE B 58 30.10 19.15 -9.86
C ILE B 58 31.09 19.68 -8.80
N LEU B 59 31.35 18.89 -7.76
CA LEU B 59 32.34 19.30 -6.74
C LEU B 59 33.74 19.35 -7.33
N LYS B 60 34.03 18.47 -8.28
CA LYS B 60 35.33 18.50 -8.98
C LYS B 60 35.44 19.79 -9.84
N LEU B 61 34.38 20.10 -10.59
CA LEU B 61 34.30 21.37 -11.32
C LEU B 61 34.56 22.58 -10.42
N LEU B 62 33.85 22.65 -9.29
CA LEU B 62 34.02 23.78 -8.37
C LEU B 62 35.47 23.83 -7.83
N ASP B 63 36.03 22.68 -7.49
CA ASP B 63 37.42 22.68 -7.03
C ASP B 63 38.37 23.26 -8.11
N LEU B 64 38.16 22.93 -9.37
CA LEU B 64 38.99 23.45 -10.45
C LEU B 64 38.87 24.97 -10.62
N ILE B 65 37.65 25.51 -10.58
CA ILE B 65 37.54 26.96 -10.75
C ILE B 65 37.95 27.73 -9.49
N PHE B 66 37.81 27.14 -8.30
CA PHE B 66 38.26 27.78 -7.07
C PHE B 66 39.80 27.89 -7.11
N GLU B 67 40.49 26.82 -7.47
CA GLU B 67 41.95 26.85 -7.52
C GLU B 67 42.44 27.67 -8.71
N GLY B 68 41.56 27.89 -9.70
CA GLY B 68 41.89 28.76 -10.81
C GLY B 68 41.63 30.24 -10.51
N GLY B 69 41.11 30.52 -9.31
CA GLY B 69 41.00 31.88 -8.83
C GLY B 69 39.68 32.62 -9.04
N ILE B 70 38.62 31.91 -9.43
CA ILE B 70 37.31 32.52 -9.75
C ILE B 70 36.85 33.36 -8.58
N ASP B 71 36.19 34.46 -8.87
CA ASP B 71 35.54 35.26 -7.84
C ASP B 71 34.21 34.60 -7.41
N LYS B 72 34.18 34.05 -6.20
CA LYS B 72 33.07 33.22 -5.70
C LYS B 72 31.73 33.98 -5.63
N ARG B 73 31.81 35.30 -5.47
CA ARG B 73 30.66 36.17 -5.42
C ARG B 73 29.83 36.16 -6.71
N LYS B 74 30.43 35.73 -7.81
CA LYS B 74 29.74 35.72 -9.10
C LYS B 74 28.99 34.42 -9.39
N LEU B 75 29.22 33.40 -8.56
CA LEU B 75 28.69 32.05 -8.83
C LEU B 75 27.25 31.89 -8.32
N VAL B 76 26.40 31.24 -9.12
CA VAL B 76 25.04 30.89 -8.73
C VAL B 76 24.85 29.39 -8.93
N MET B 77 24.38 28.65 -7.93
CA MET B 77 24.12 27.22 -8.11
C MET B 77 22.66 27.02 -8.54
N ASN B 78 22.44 26.44 -9.70
CA ASN B 78 21.07 26.10 -10.11
C ASN B 78 20.65 24.77 -9.48
N GLY B 79 19.57 24.78 -8.70
CA GLY B 79 18.91 23.54 -8.32
C GLY B 79 19.46 22.80 -7.10
N ARG B 80 20.79 22.63 -7.03
CA ARG B 80 21.42 21.89 -5.95
C ARG B 80 21.70 22.79 -4.74
N VAL B 81 20.70 22.94 -3.88
CA VAL B 81 20.89 23.74 -2.68
C VAL B 81 21.96 23.12 -1.76
N ASP B 82 22.02 21.80 -1.71
CA ASP B 82 23.03 21.14 -0.88
C ASP B 82 24.47 21.45 -1.33
N ILE B 83 24.73 21.41 -2.64
CA ILE B 83 26.08 21.77 -3.13
C ILE B 83 26.42 23.24 -2.83
N ALA B 84 25.45 24.14 -2.97
CA ALA B 84 25.67 25.54 -2.60
C ALA B 84 26.10 25.66 -1.13
N LEU B 85 25.37 24.97 -0.23
CA LEU B 85 25.67 25.05 1.21
C LEU B 85 27.06 24.53 1.59
N PHE B 86 27.50 23.42 1.00
CA PHE B 86 28.79 22.86 1.37
C PHE B 86 29.97 23.37 0.55
N SER B 87 29.73 24.36 -0.31
CA SER B 87 30.80 24.94 -1.13
C SER B 87 30.98 26.42 -0.82
N THR B 88 30.22 26.94 0.13
CA THR B 88 30.25 28.38 0.44
C THR B 88 29.81 29.26 -0.74
N ILE B 89 28.89 28.74 -1.56
CA ILE B 89 28.23 29.54 -2.59
C ILE B 89 26.92 30.08 -2.03
N HIS B 90 26.75 31.40 -2.09
CA HIS B 90 25.66 32.09 -1.40
C HIS B 90 24.47 32.48 -2.28
N ARG B 91 24.48 32.08 -3.54
CA ARG B 91 23.34 32.34 -4.44
C ARG B 91 22.83 31.05 -5.06
N VAL B 92 21.50 30.85 -5.03
CA VAL B 92 20.88 29.68 -5.64
C VAL B 92 19.75 30.11 -6.57
N GLN B 93 19.58 29.37 -7.66
CA GLN B 93 18.47 29.57 -8.60
C GLN B 93 17.54 28.37 -8.48
N LEU B 94 16.27 28.59 -8.13
CA LEU B 94 15.30 27.50 -7.92
C LEU B 94 14.36 27.27 -9.12
N PRO B 95 14.42 26.09 -9.76
CA PRO B 95 13.50 25.86 -10.89
C PRO B 95 12.02 25.73 -10.50
N SER B 96 11.13 25.90 -11.48
CA SER B 96 9.71 25.75 -11.25
C SER B 96 9.37 24.30 -10.80
N GLY B 97 8.57 24.17 -9.76
CA GLY B 97 8.23 22.85 -9.22
C GLY B 97 9.19 22.33 -8.16
N SER B 98 10.30 23.02 -7.90
CA SER B 98 11.23 22.58 -6.86
C SER B 98 10.91 23.29 -5.53
N PHE B 99 11.91 23.51 -4.69
CA PHE B 99 11.70 24.06 -3.35
C PHE B 99 11.09 25.47 -3.38
N SER B 100 10.28 25.80 -2.37
CA SER B 100 9.81 27.18 -2.28
C SER B 100 10.89 28.06 -1.64
N PRO B 101 10.91 29.35 -2.01
CA PRO B 101 11.87 30.25 -1.38
C PRO B 101 11.62 30.40 0.12
N LYS B 102 10.38 30.19 0.55
CA LYS B 102 10.03 30.31 1.96
C LYS B 102 10.75 29.24 2.80
N GLN B 103 10.67 27.97 2.38
CA GLN B 103 11.42 26.88 3.03
C GLN B 103 12.91 27.20 3.10
N ILE B 104 13.49 27.60 1.96
CA ILE B 104 14.92 27.89 1.92
C ILE B 104 15.27 28.99 2.92
N ARG B 105 14.52 30.08 2.87
CA ARG B 105 14.83 31.25 3.67
C ARG B 105 14.64 30.96 5.18
N ALA B 106 13.71 30.07 5.52
CA ALA B 106 13.46 29.74 6.93
C ALA B 106 14.71 29.20 7.61
N ARG B 107 15.48 28.37 6.90
CA ARG B 107 16.66 27.77 7.50
C ARG B 107 18.01 28.37 7.07
N PHE B 108 18.05 29.00 5.90
CA PHE B 108 19.30 29.55 5.40
C PHE B 108 19.09 30.98 4.93
N PRO B 109 18.88 31.91 5.89
CA PRO B 109 18.51 33.28 5.52
C PRO B 109 19.65 34.03 4.81
N HIS B 110 20.87 33.52 4.89
CA HIS B 110 22.00 34.18 4.22
C HIS B 110 21.98 34.05 2.67
N LEU B 111 21.22 33.09 2.14
CA LEU B 111 21.17 32.85 0.69
C LEU B 111 20.37 33.89 -0.14
N HIS B 112 20.97 34.40 -1.23
CA HIS B 112 20.22 35.17 -2.22
CA HIS B 112 20.25 35.17 -2.24
C HIS B 112 19.49 34.16 -3.12
N ILE B 113 18.19 34.35 -3.32
CA ILE B 113 17.37 33.34 -3.98
C ILE B 113 16.66 33.80 -5.28
N GLY B 114 16.95 33.15 -6.40
CA GLY B 114 16.22 33.41 -7.64
C GLY B 114 15.15 32.35 -7.91
N ARG B 115 14.07 32.72 -8.59
CA ARG B 115 13.05 31.75 -9.02
C ARG B 115 12.91 31.79 -10.53
N SER B 116 12.86 30.62 -11.17
CA SER B 116 12.60 30.53 -12.61
C SER B 116 11.09 30.43 -12.81
N VAL B 117 10.52 31.38 -13.54
CA VAL B 117 9.06 31.47 -13.64
C VAL B 117 8.67 31.55 -15.11
N HIS B 118 7.45 31.10 -15.44
CA HIS B 118 7.02 30.97 -16.83
C HIS B 118 5.63 31.58 -17.11
N SER B 119 5.14 32.44 -16.21
CA SER B 119 3.87 33.11 -16.39
C SER B 119 3.75 34.28 -15.42
N LEU B 120 2.82 35.19 -15.69
CA LEU B 120 2.59 36.33 -14.83
C LEU B 120 2.29 35.89 -13.41
N GLU B 121 1.34 34.96 -13.28
CA GLU B 121 0.88 34.51 -11.96
C GLU B 121 2.00 33.82 -11.17
N GLU B 122 2.78 32.96 -11.81
CA GLU B 122 3.94 32.37 -11.12
C GLU B 122 4.97 33.44 -10.69
N ALA B 123 5.15 34.48 -11.50
CA ALA B 123 6.00 35.60 -11.10
C ALA B 123 5.44 36.31 -9.86
N VAL B 124 4.14 36.57 -9.87
CA VAL B 124 3.50 37.21 -8.72
C VAL B 124 3.66 36.37 -7.44
N GLN B 125 3.51 35.07 -7.58
CA GLN B 125 3.59 34.17 -6.45
C GLN B 125 5.04 34.11 -5.90
N ALA B 126 6.04 34.16 -6.79
CA ALA B 126 7.44 34.12 -6.36
C ALA B 126 7.81 35.31 -5.45
N GLU B 127 7.32 36.49 -5.81
CA GLU B 127 7.57 37.69 -5.00
C GLU B 127 6.91 37.53 -3.64
N LYS B 128 5.72 36.95 -3.62
CA LYS B 128 5.02 36.71 -2.35
C LYS B 128 5.74 35.68 -1.46
N GLU B 129 6.38 34.67 -2.04
CA GLU B 129 7.13 33.70 -1.25
C GLU B 129 8.54 34.19 -0.93
N ASP B 130 8.78 35.47 -1.20
CA ASP B 130 10.04 36.15 -0.85
C ASP B 130 11.30 35.80 -1.69
N ALA B 131 11.13 35.48 -2.97
CA ALA B 131 12.27 35.42 -3.89
C ALA B 131 12.99 36.79 -3.93
N ASP B 132 14.31 36.79 -4.13
CA ASP B 132 15.02 38.05 -4.37
C ASP B 132 14.91 38.59 -5.82
N TYR B 133 14.72 37.70 -6.80
CA TYR B 133 14.59 38.09 -8.22
C TYR B 133 14.01 36.91 -8.99
N VAL B 134 13.58 37.13 -10.23
CA VAL B 134 13.12 36.02 -11.06
C VAL B 134 13.86 35.99 -12.40
N LEU B 135 14.02 34.77 -12.94
CA LEU B 135 14.39 34.55 -14.34
C LEU B 135 13.13 34.19 -15.12
N PHE B 136 12.78 34.98 -16.13
CA PHE B 136 11.56 34.69 -16.88
C PHE B 136 11.87 34.31 -18.33
N GLY B 137 11.31 33.18 -18.77
CA GLY B 137 11.46 32.72 -20.14
C GLY B 137 10.54 31.54 -20.34
N HIS B 138 10.61 30.81 -21.45
CA HIS B 138 11.57 31.01 -22.51
C HIS B 138 11.04 32.12 -23.43
N VAL B 139 11.75 33.26 -23.53
CA VAL B 139 11.19 34.43 -24.17
C VAL B 139 10.93 34.26 -25.69
N PHE B 140 11.87 33.65 -26.42
CA PHE B 140 11.76 33.58 -27.89
C PHE B 140 11.49 32.16 -28.47
N GLU B 141 11.22 31.18 -27.60
CA GLU B 141 10.89 29.82 -28.05
C GLU B 141 9.55 29.81 -28.82
N THR B 142 9.52 29.12 -29.95
CA THR B 142 8.29 29.00 -30.74
C THR B 142 7.65 27.63 -30.55
N LEU B 148 5.75 29.55 -24.57
CA LEU B 148 4.87 30.56 -23.96
C LEU B 148 3.83 31.13 -24.94
N GLU B 149 3.65 30.44 -26.07
CA GLU B 149 2.65 30.83 -27.06
C GLU B 149 2.88 32.24 -27.61
N GLY B 150 4.14 32.61 -27.80
CA GLY B 150 4.49 33.87 -28.43
C GLY B 150 4.36 35.09 -27.53
N ARG B 151 4.02 34.89 -26.27
CA ARG B 151 3.72 35.99 -25.34
C ARG B 151 4.92 36.49 -24.55
N GLY B 152 6.09 35.90 -24.83
CA GLY B 152 7.34 36.26 -24.17
C GLY B 152 7.65 37.75 -23.94
N VAL B 153 7.70 38.55 -25.00
CA VAL B 153 8.09 39.96 -24.81
C VAL B 153 7.03 40.79 -24.10
N SER B 154 5.75 40.52 -24.38
CA SER B 154 4.63 41.23 -23.75
C SER B 154 4.52 40.91 -22.26
N LEU B 155 4.61 39.62 -21.94
CA LEU B 155 4.60 39.16 -20.56
C LEU B 155 5.75 39.74 -19.76
N LEU B 156 6.91 39.87 -20.40
CA LEU B 156 8.08 40.45 -19.77
C LEU B 156 7.70 41.84 -19.27
N SER B 157 7.04 42.61 -20.15
CA SER B 157 6.57 43.94 -19.79
C SER B 157 5.49 43.93 -18.69
N ASP B 158 4.53 43.01 -18.79
CA ASP B 158 3.49 42.89 -17.76
C ASP B 158 4.08 42.51 -16.39
N ILE B 159 5.02 41.58 -16.37
CA ILE B 159 5.62 41.13 -15.11
C ILE B 159 6.35 42.29 -14.43
N LYS B 160 7.13 43.05 -15.22
CA LYS B 160 7.90 44.18 -14.70
C LYS B 160 6.99 45.24 -14.08
N GLN B 161 5.79 45.35 -14.62
CA GLN B 161 4.85 46.36 -14.16
C GLN B 161 4.21 45.93 -12.84
N ARG B 162 4.04 44.62 -12.68
CA ARG B 162 3.27 44.07 -11.56
C ARG B 162 4.10 43.74 -10.30
N ILE B 163 5.36 43.39 -10.45
CA ILE B 163 6.20 43.08 -9.28
C ILE B 163 7.31 44.14 -9.13
N SER B 164 7.94 44.19 -7.95
CA SER B 164 9.02 45.16 -7.74
C SER B 164 10.42 44.56 -7.51
N ILE B 165 10.56 43.25 -7.66
CA ILE B 165 11.90 42.64 -7.63
C ILE B 165 12.41 42.49 -9.06
N PRO B 166 13.75 42.44 -9.23
CA PRO B 166 14.35 42.41 -10.57
C PRO B 166 13.86 41.26 -11.46
N VAL B 167 13.83 41.50 -12.77
CA VAL B 167 13.42 40.48 -13.74
C VAL B 167 14.53 40.26 -14.78
N ILE B 168 15.06 39.04 -14.88
CA ILE B 168 16.12 38.72 -15.83
C ILE B 168 15.51 37.88 -16.95
N ALA B 169 15.69 38.31 -18.20
CA ALA B 169 15.09 37.60 -19.34
C ALA B 169 15.99 36.46 -19.86
N ILE B 170 15.38 35.31 -20.16
CA ILE B 170 16.11 34.16 -20.70
C ILE B 170 15.37 33.44 -21.84
N GLY B 171 16.14 32.82 -22.74
CA GLY B 171 15.60 32.03 -23.85
C GLY B 171 15.80 32.72 -25.19
N GLY B 172 16.80 32.27 -25.95
CA GLY B 172 17.06 32.83 -27.27
C GLY B 172 17.65 34.24 -27.26
N MET B 173 18.31 34.64 -26.17
CA MET B 173 18.92 35.96 -26.14
C MET B 173 20.11 36.06 -27.10
N THR B 174 20.05 37.00 -28.02
CA THR B 174 21.17 37.31 -28.93
C THR B 174 21.38 38.82 -28.97
N PRO B 175 22.55 39.27 -29.44
CA PRO B 175 22.82 40.72 -29.44
C PRO B 175 21.75 41.54 -30.16
N ASP B 176 21.19 41.03 -31.26
CA ASP B 176 20.16 41.74 -32.02
C ASP B 176 18.75 41.79 -31.38
N ARG B 177 18.54 41.12 -30.26
CA ARG B 177 17.23 41.10 -29.62
C ARG B 177 17.23 41.91 -28.33
N LEU B 178 18.39 42.46 -27.98
CA LEU B 178 18.56 43.06 -26.66
C LEU B 178 17.81 44.38 -26.53
N ARG B 179 17.65 45.11 -27.64
CA ARG B 179 16.87 46.36 -27.60
C ARG B 179 15.40 46.06 -27.24
N ASP B 180 14.77 45.10 -27.91
CA ASP B 180 13.39 44.73 -27.56
C ASP B 180 13.27 44.40 -26.07
N VAL B 181 14.18 43.58 -25.56
CA VAL B 181 14.12 43.15 -24.17
C VAL B 181 14.32 44.34 -23.22
N LYS B 182 15.26 45.21 -23.57
CA LYS B 182 15.51 46.42 -22.81
C LYS B 182 14.27 47.34 -22.78
N GLN B 183 13.63 47.54 -23.93
CA GLN B 183 12.44 48.40 -24.00
C GLN B 183 11.29 47.77 -23.21
N ALA B 184 11.21 46.45 -23.17
CA ALA B 184 10.17 45.82 -22.37
C ALA B 184 10.39 46.03 -20.86
N GLY B 185 11.60 46.38 -20.45
CA GLY B 185 11.88 46.73 -19.06
C GLY B 185 12.73 45.71 -18.28
N ALA B 186 13.34 44.75 -18.97
CA ALA B 186 14.13 43.73 -18.28
C ALA B 186 15.29 44.37 -17.50
N ASP B 187 15.63 43.82 -16.34
CA ASP B 187 16.77 44.32 -15.58
C ASP B 187 18.08 43.64 -15.97
N GLY B 188 18.01 42.62 -16.83
CA GLY B 188 19.21 41.92 -17.29
C GLY B 188 18.81 40.79 -18.23
N ILE B 189 19.80 40.12 -18.80
CA ILE B 189 19.54 38.95 -19.66
C ILE B 189 20.42 37.76 -19.25
N ALA B 190 20.00 36.57 -19.65
CA ALA B 190 20.69 35.34 -19.35
C ALA B 190 20.99 34.60 -20.65
N VAL B 191 22.21 34.11 -20.81
CA VAL B 191 22.66 33.56 -22.08
C VAL B 191 23.34 32.20 -21.88
N MET B 192 22.94 31.20 -22.67
CA MET B 192 23.55 29.88 -22.58
C MET B 192 24.35 29.59 -23.86
N SER B 193 23.67 29.07 -24.89
CA SER B 193 24.34 28.70 -26.13
C SER B 193 25.10 29.87 -26.78
N GLY B 194 24.59 31.10 -26.68
CA GLY B 194 25.25 32.25 -27.32
C GLY B 194 26.71 32.48 -26.89
N ILE B 195 27.09 31.92 -25.74
CA ILE B 195 28.47 32.03 -25.26
C ILE B 195 29.14 30.65 -25.29
N PHE B 196 28.51 29.65 -24.68
CA PHE B 196 29.19 28.35 -24.48
C PHE B 196 29.23 27.46 -25.71
N SER B 197 28.49 27.80 -26.77
CA SER B 197 28.58 27.05 -28.02
C SER B 197 29.50 27.72 -29.05
N SER B 198 29.88 28.96 -28.76
CA SER B 198 30.82 29.70 -29.62
C SER B 198 32.17 28.99 -29.69
N ALA B 199 32.84 29.15 -30.82
CA ALA B 199 34.21 28.68 -30.97
C ALA B 199 35.13 29.59 -30.19
N GLU B 200 34.65 30.81 -29.89
CA GLU B 200 35.42 31.75 -29.06
C GLU B 200 34.58 32.41 -27.95
N PRO B 201 34.40 31.73 -26.80
CA PRO B 201 33.45 32.21 -25.78
C PRO B 201 33.75 33.61 -25.28
N LEU B 202 35.02 33.97 -25.11
CA LEU B 202 35.39 35.32 -24.66
C LEU B 202 34.85 36.37 -25.63
N GLU B 203 35.06 36.16 -26.93
CA GLU B 203 34.60 37.11 -27.94
C GLU B 203 33.08 37.15 -27.95
N ALA B 204 32.45 35.98 -27.89
CA ALA B 204 31.00 35.91 -27.84
C ALA B 204 30.47 36.76 -26.67
N ALA B 205 31.04 36.59 -25.49
CA ALA B 205 30.59 37.34 -24.31
C ALA B 205 30.81 38.84 -24.53
N ARG B 206 31.90 39.18 -25.21
CA ARG B 206 32.19 40.58 -25.50
C ARG B 206 31.14 41.23 -26.42
N ARG B 207 30.67 40.48 -27.44
CA ARG B 207 29.61 41.01 -28.30
C ARG B 207 28.40 41.44 -27.48
N TYR B 208 28.08 40.68 -26.42
CA TYR B 208 26.89 41.02 -25.66
C TYR B 208 27.13 42.27 -24.82
N SER B 209 28.29 42.37 -24.19
CA SER B 209 28.55 43.48 -23.29
C SER B 209 28.81 44.78 -24.05
N ARG B 210 29.35 44.66 -25.26
CA ARG B 210 29.48 45.83 -26.13
C ARG B 210 28.12 46.38 -26.54
N LYS B 211 27.22 45.49 -26.96
CA LYS B 211 25.88 45.89 -27.37
C LYS B 211 25.14 46.56 -26.20
N LEU B 212 25.34 46.03 -25.00
CA LEU B 212 24.68 46.57 -23.82
C LEU B 212 25.19 47.98 -23.49
N LYS B 213 26.49 48.22 -23.71
CA LYS B 213 27.06 49.53 -23.45
C LYS B 213 26.58 50.52 -24.52
N GLU B 214 26.64 50.10 -25.77
CA GLU B 214 26.21 50.94 -26.90
C GLU B 214 24.76 51.39 -26.74
N MET B 215 23.96 50.65 -25.97
CA MET B 215 22.61 51.08 -25.66
C MET B 215 22.62 52.03 -24.45
N ARG B 216 23.61 52.91 -24.39
CA ARG B 216 23.73 53.84 -23.28
C ARG B 216 24.52 55.09 -23.69
N HIS C 16 -1.06 5.05 25.27
CA HIS C 16 -1.21 4.79 23.80
C HIS C 16 -2.55 4.15 23.50
N MET C 17 -3.37 4.84 22.74
CA MET C 17 -4.70 4.36 22.40
C MET C 17 -4.75 3.80 20.98
N GLU C 18 -5.15 2.53 20.86
CA GLU C 18 -5.25 1.88 19.55
C GLU C 18 -6.35 2.49 18.67
N LEU C 19 -6.08 2.51 17.38
CA LEU C 19 -7.05 2.96 16.37
C LEU C 19 -7.38 1.79 15.42
N HIS C 20 -8.65 1.39 15.44
CA HIS C 20 -9.17 0.30 14.61
C HIS C 20 -10.09 0.86 13.51
N ALA C 21 -9.77 0.63 12.24
CA ALA C 21 -10.69 0.96 11.14
C ALA C 21 -11.60 -0.24 10.84
N ILE C 22 -12.90 0.01 10.59
CA ILE C 22 -13.90 -1.07 10.37
C ILE C 22 -14.52 -0.86 9.00
N THR C 23 -14.40 -1.83 8.08
CA THR C 23 -14.98 -1.66 6.74
C THR C 23 -16.51 -1.52 6.82
N ASP C 24 -17.14 -0.94 5.80
CA ASP C 24 -18.52 -0.47 5.91
C ASP C 24 -19.57 -1.25 5.09
N ASP C 25 -19.14 -2.32 4.42
CA ASP C 25 -20.10 -3.23 3.78
C ASP C 25 -20.98 -2.49 2.77
N SER C 26 -20.39 -1.56 2.01
CA SER C 26 -21.16 -0.74 1.06
C SER C 26 -20.51 -0.61 -0.32
N LYS C 27 -19.23 -0.96 -0.44
CA LYS C 27 -18.49 -0.71 -1.69
C LYS C 27 -18.10 -1.99 -2.44
N PRO C 28 -17.85 -1.87 -3.75
CA PRO C 28 -17.31 -3.01 -4.50
C PRO C 28 -15.86 -3.32 -4.09
N VAL C 29 -15.42 -4.57 -4.21
CA VAL C 29 -14.14 -4.97 -3.63
C VAL C 29 -12.94 -4.18 -4.16
N GLU C 30 -12.97 -3.81 -5.44
CA GLU C 30 -11.85 -3.04 -6.02
C GLU C 30 -11.66 -1.70 -5.34
N GLU C 31 -12.77 -1.03 -5.05
CA GLU C 31 -12.72 0.27 -4.39
C GLU C 31 -12.29 0.11 -2.93
N LEU C 32 -12.92 -0.83 -2.24
CA LEU C 32 -12.63 -1.07 -0.84
C LEU C 32 -11.13 -1.38 -0.67
N ALA C 33 -10.59 -2.23 -1.56
CA ALA C 33 -9.19 -2.66 -1.51
C ALA C 33 -8.18 -1.49 -1.60
N ARG C 34 -8.44 -0.53 -2.49
CA ARG C 34 -7.56 0.64 -2.60
C ARG C 34 -7.59 1.50 -1.34
N ILE C 35 -8.74 1.62 -0.70
CA ILE C 35 -8.81 2.42 0.52
C ILE C 35 -8.03 1.74 1.65
N ILE C 36 -8.18 0.43 1.78
CA ILE C 36 -7.44 -0.33 2.79
C ILE C 36 -5.91 -0.16 2.64
N ILE C 37 -5.39 -0.27 1.43
CA ILE C 37 -3.95 -0.12 1.18
C ILE C 37 -3.47 1.28 1.61
N THR C 38 -4.24 2.30 1.23
CA THR C 38 -3.89 3.68 1.46
C THR C 38 -3.83 4.08 2.94
N ILE C 39 -4.66 3.48 3.80
CA ILE C 39 -4.75 3.92 5.19
C ILE C 39 -3.92 3.08 6.12
N GLN C 40 -3.33 2.01 5.61
CA GLN C 40 -2.74 0.98 6.49
C GLN C 40 -1.69 1.50 7.50
N ASN C 41 -0.98 2.58 7.17
CA ASN C 41 0.04 3.08 8.10
C ASN C 41 -0.47 4.10 9.11
N GLU C 42 -1.70 4.56 8.96
CA GLU C 42 -2.31 5.49 9.93
C GLU C 42 -3.11 4.78 11.05
N VAL C 43 -3.33 3.47 10.92
CA VAL C 43 -4.16 2.74 11.89
C VAL C 43 -3.41 1.53 12.39
N ASP C 44 -3.86 0.98 13.51
CA ASP C 44 -3.27 -0.25 14.06
C ASP C 44 -3.91 -1.55 13.56
N PHE C 45 -5.23 -1.54 13.31
CA PHE C 45 -5.94 -2.74 12.86
C PHE C 45 -7.03 -2.39 11.87
N ILE C 46 -7.27 -3.31 10.93
CA ILE C 46 -8.35 -3.14 9.95
C ILE C 46 -9.25 -4.38 10.03
N HIS C 47 -10.51 -4.19 10.41
CA HIS C 47 -11.48 -5.27 10.54
C HIS C 47 -12.27 -5.43 9.24
N ILE C 48 -12.21 -6.62 8.65
CA ILE C 48 -12.99 -6.92 7.47
C ILE C 48 -14.39 -7.35 7.94
N ARG C 49 -15.37 -6.49 7.69
CA ARG C 49 -16.72 -6.70 8.19
C ARG C 49 -17.72 -6.55 7.05
N GLU C 50 -17.54 -7.31 5.96
CA GLU C 50 -18.41 -7.21 4.79
C GLU C 50 -19.58 -8.21 4.89
N ARG C 51 -20.50 -7.91 5.80
CA ARG C 51 -21.63 -8.77 6.18
C ARG C 51 -22.47 -9.35 5.05
N SER C 52 -22.72 -8.55 4.03
CA SER C 52 -23.63 -8.92 2.95
C SER C 52 -22.94 -9.49 1.71
N LYS C 53 -21.63 -9.68 1.77
CA LYS C 53 -20.90 -10.30 0.67
C LYS C 53 -20.71 -11.79 0.95
N SER C 54 -20.58 -12.58 -0.11
CA SER C 54 -20.31 -14.02 -0.01
C SER C 54 -18.83 -14.32 0.26
N ALA C 55 -18.54 -15.52 0.75
CA ALA C 55 -17.15 -15.97 0.91
C ALA C 55 -16.33 -15.73 -0.36
N ALA C 56 -16.93 -15.99 -1.53
CA ALA C 56 -16.23 -15.86 -2.80
C ALA C 56 -15.75 -14.41 -3.07
N ASP C 57 -16.63 -13.43 -2.83
CA ASP C 57 -16.31 -12.00 -2.95
C ASP C 57 -15.27 -11.54 -1.92
N ILE C 58 -15.40 -11.99 -0.67
CA ILE C 58 -14.41 -11.65 0.36
C ILE C 58 -13.01 -12.21 0.04
N LEU C 59 -12.94 -13.43 -0.48
CA LEU C 59 -11.67 -14.02 -0.92
C LEU C 59 -11.06 -13.25 -2.09
N LYS C 60 -11.91 -12.71 -2.96
CA LYS C 60 -11.47 -11.79 -4.01
C LYS C 60 -10.88 -10.51 -3.39
N LEU C 61 -11.55 -9.94 -2.40
CA LEU C 61 -11.06 -8.74 -1.72
C LEU C 61 -9.68 -9.00 -1.09
N LEU C 62 -9.55 -10.09 -0.33
CA LEU C 62 -8.29 -10.40 0.33
C LEU C 62 -7.20 -10.56 -0.71
N ASP C 63 -7.53 -11.16 -1.83
CA ASP C 63 -6.54 -11.30 -2.87
C ASP C 63 -6.05 -9.98 -3.45
N LEU C 64 -6.96 -9.03 -3.67
CA LEU C 64 -6.55 -7.70 -4.11
C LEU C 64 -5.64 -7.01 -3.07
N ILE C 65 -6.01 -7.06 -1.80
CA ILE C 65 -5.17 -6.38 -0.81
C ILE C 65 -3.83 -7.10 -0.55
N PHE C 66 -3.79 -8.43 -0.65
CA PHE C 66 -2.51 -9.14 -0.55
C PHE C 66 -1.60 -8.78 -1.73
N GLU C 67 -2.18 -8.71 -2.94
CA GLU C 67 -1.39 -8.39 -4.12
C GLU C 67 -0.95 -6.93 -4.05
N GLY C 68 -1.65 -6.13 -3.27
CA GLY C 68 -1.35 -4.71 -3.17
C GLY C 68 -0.37 -4.42 -2.04
N GLY C 69 0.08 -5.46 -1.35
CA GLY C 69 1.17 -5.32 -0.38
C GLY C 69 0.79 -5.20 1.09
N ILE C 70 -0.48 -5.30 1.44
CA ILE C 70 -0.95 -5.13 2.83
C ILE C 70 -0.15 -5.93 3.88
N ASP C 71 0.15 -5.30 5.02
CA ASP C 71 0.71 -6.02 6.15
C ASP C 71 -0.40 -6.87 6.84
N LYS C 72 -0.28 -8.18 6.70
CA LYS C 72 -1.32 -9.12 7.11
C LYS C 72 -1.55 -9.15 8.62
N ARG C 73 -0.52 -8.78 9.39
CA ARG C 73 -0.63 -8.74 10.86
C ARG C 73 -1.64 -7.70 11.36
N LYS C 74 -2.03 -6.79 10.49
CA LYS C 74 -3.02 -5.79 10.86
C LYS C 74 -4.48 -6.20 10.58
N LEU C 75 -4.69 -7.31 9.88
CA LEU C 75 -6.07 -7.65 9.49
C LEU C 75 -6.80 -8.40 10.60
N VAL C 76 -8.10 -8.13 10.74
CA VAL C 76 -8.95 -8.85 11.67
C VAL C 76 -10.18 -9.28 10.88
N MET C 77 -10.57 -10.55 10.94
CA MET C 77 -11.75 -11.01 10.21
C MET C 77 -12.94 -10.95 11.16
N ASN C 78 -13.96 -10.19 10.79
CA ASN C 78 -15.17 -10.18 11.60
C ASN C 78 -16.10 -11.34 11.23
N GLY C 79 -16.31 -12.25 12.16
CA GLY C 79 -17.40 -13.22 12.04
C GLY C 79 -17.05 -14.48 11.28
N ARG C 80 -16.34 -14.34 10.16
CA ARG C 80 -16.03 -15.49 9.30
C ARG C 80 -14.76 -16.22 9.76
N VAL C 81 -14.90 -17.14 10.70
CA VAL C 81 -13.72 -17.85 11.21
C VAL C 81 -13.13 -18.79 10.13
N ASP C 82 -13.99 -19.36 9.28
CA ASP C 82 -13.49 -20.17 8.15
C ASP C 82 -12.59 -19.37 7.17
N ILE C 83 -13.03 -18.18 6.78
CA ILE C 83 -12.19 -17.35 5.89
C ILE C 83 -10.82 -17.03 6.52
N ALA C 84 -10.78 -16.72 7.81
CA ALA C 84 -9.51 -16.47 8.52
C ALA C 84 -8.56 -17.67 8.46
N LEU C 85 -9.04 -18.84 8.83
CA LEU C 85 -8.21 -20.05 8.83
C LEU C 85 -7.63 -20.34 7.45
N PHE C 86 -8.42 -20.18 6.41
CA PHE C 86 -7.95 -20.55 5.08
C PHE C 86 -7.21 -19.41 4.41
N SER C 87 -7.03 -18.28 5.09
CA SER C 87 -6.34 -17.14 4.51
C SER C 87 -5.08 -16.74 5.27
N THR C 88 -4.79 -17.45 6.36
CA THR C 88 -3.69 -17.11 7.27
C THR C 88 -3.83 -15.70 7.90
N ILE C 89 -5.06 -15.36 8.26
CA ILE C 89 -5.35 -14.23 9.11
C ILE C 89 -5.51 -14.77 10.54
N HIS C 90 -4.74 -14.24 11.48
CA HIS C 90 -4.67 -14.81 12.82
C HIS C 90 -5.51 -14.04 13.85
N ARG C 91 -6.36 -13.13 13.40
CA ARG C 91 -7.19 -12.36 14.32
C ARG C 91 -8.65 -12.44 13.89
N VAL C 92 -9.56 -12.70 14.83
CA VAL C 92 -10.98 -12.71 14.54
C VAL C 92 -11.78 -11.92 15.57
N GLN C 93 -12.84 -11.28 15.10
CA GLN C 93 -13.77 -10.57 15.96
C GLN C 93 -15.08 -11.36 15.94
N LEU C 94 -15.53 -11.83 17.11
CA LEU C 94 -16.79 -12.63 17.22
C LEU C 94 -18.01 -11.81 17.65
N PRO C 95 -19.02 -11.69 16.77
CA PRO C 95 -20.26 -11.01 17.14
C PRO C 95 -21.00 -11.67 18.32
N SER C 96 -21.81 -10.87 19.01
CA SER C 96 -22.68 -11.33 20.10
C SER C 96 -23.65 -12.44 19.63
N GLY C 97 -23.66 -13.55 20.35
CA GLY C 97 -24.54 -14.66 20.00
C GLY C 97 -23.91 -15.67 19.03
N SER C 98 -22.67 -15.40 18.59
CA SER C 98 -21.93 -16.34 17.71
C SER C 98 -21.06 -17.31 18.54
N PHE C 99 -19.97 -17.83 17.96
CA PHE C 99 -19.11 -18.82 18.66
C PHE C 99 -18.53 -18.29 19.97
N SER C 100 -18.25 -19.15 20.94
CA SER C 100 -17.56 -18.67 22.15
C SER C 100 -16.05 -18.75 21.92
N PRO C 101 -15.30 -17.84 22.55
CA PRO C 101 -13.83 -17.83 22.40
C PRO C 101 -13.24 -19.15 22.88
N LYS C 102 -13.81 -19.72 23.93
CA LYS C 102 -13.31 -20.98 24.51
C LYS C 102 -13.34 -22.15 23.51
N GLN C 103 -14.42 -22.30 22.74
CA GLN C 103 -14.46 -23.39 21.76
C GLN C 103 -13.52 -23.11 20.58
N ILE C 104 -13.42 -21.86 20.15
CA ILE C 104 -12.49 -21.51 19.07
C ILE C 104 -11.05 -21.81 19.50
N ARG C 105 -10.71 -21.41 20.71
CA ARG C 105 -9.33 -21.48 21.18
C ARG C 105 -8.85 -22.91 21.42
N ALA C 106 -9.77 -23.78 21.85
CA ALA C 106 -9.42 -25.17 22.09
C ALA C 106 -8.96 -25.85 20.80
N ARG C 107 -9.58 -25.51 19.67
CA ARG C 107 -9.21 -26.11 18.39
C ARG C 107 -8.12 -25.31 17.68
N PHE C 108 -8.10 -23.98 17.88
CA PHE C 108 -7.15 -23.10 17.17
C PHE C 108 -6.50 -22.11 18.11
N PRO C 109 -5.54 -22.59 18.92
CA PRO C 109 -4.95 -21.76 19.97
C PRO C 109 -4.10 -20.57 19.46
N HIS C 110 -3.76 -20.54 18.17
CA HIS C 110 -2.96 -19.45 17.62
C HIS C 110 -3.76 -18.15 17.41
N LEU C 111 -5.08 -18.23 17.45
CA LEU C 111 -5.90 -17.06 17.16
C LEU C 111 -5.99 -16.03 18.31
N HIS C 112 -5.90 -14.75 17.96
CA HIS C 112 -6.20 -13.67 18.89
CA HIS C 112 -6.21 -13.67 18.91
C HIS C 112 -7.69 -13.37 18.73
N ILE C 113 -8.44 -13.39 19.82
CA ILE C 113 -9.90 -13.33 19.74
C ILE C 113 -10.53 -12.14 20.44
N GLY C 114 -11.23 -11.30 19.68
CA GLY C 114 -12.05 -10.24 20.29
C GLY C 114 -13.53 -10.63 20.34
N ARG C 115 -14.26 -10.08 21.30
CA ARG C 115 -15.71 -10.27 21.41
C ARG C 115 -16.45 -8.93 21.38
N SER C 116 -17.48 -8.85 20.55
CA SER C 116 -18.35 -7.68 20.51
C SER C 116 -19.44 -7.79 21.60
N VAL C 117 -19.42 -6.89 22.57
CA VAL C 117 -20.36 -6.92 23.70
C VAL C 117 -21.17 -5.63 23.76
N HIS C 118 -22.30 -5.68 24.46
CA HIS C 118 -23.22 -4.55 24.48
C HIS C 118 -23.81 -4.28 25.86
N SER C 119 -23.29 -4.93 26.88
CA SER C 119 -23.75 -4.70 28.24
C SER C 119 -22.67 -5.16 29.18
N LEU C 120 -22.82 -4.81 30.46
CA LEU C 120 -21.81 -5.14 31.44
C LEU C 120 -21.77 -6.65 31.70
N GLU C 121 -22.95 -7.28 31.74
CA GLU C 121 -23.00 -8.72 32.00
C GLU C 121 -22.34 -9.48 30.84
N GLU C 122 -22.67 -9.08 29.62
CA GLU C 122 -22.05 -9.68 28.43
C GLU C 122 -20.52 -9.53 28.47
N ALA C 123 -20.06 -8.37 28.95
CA ALA C 123 -18.62 -8.09 29.00
C ALA C 123 -17.94 -8.98 30.02
N VAL C 124 -18.53 -9.13 31.19
CA VAL C 124 -17.93 -9.95 32.23
C VAL C 124 -17.81 -11.39 31.73
N GLN C 125 -18.87 -11.85 31.06
CA GLN C 125 -18.93 -13.21 30.49
C GLN C 125 -17.86 -13.46 29.43
N ALA C 126 -17.61 -12.47 28.58
CA ALA C 126 -16.59 -12.61 27.53
C ALA C 126 -15.25 -12.86 28.17
N GLU C 127 -14.98 -12.18 29.28
CA GLU C 127 -13.70 -12.37 29.96
C GLU C 127 -13.59 -13.75 30.60
N LYS C 128 -14.68 -14.23 31.20
CA LYS C 128 -14.68 -15.56 31.78
C LYS C 128 -14.45 -16.64 30.71
N GLU C 129 -14.79 -16.31 29.45
CA GLU C 129 -14.64 -17.25 28.35
C GLU C 129 -13.35 -17.06 27.56
N ASP C 130 -12.43 -16.30 28.14
CA ASP C 130 -11.07 -16.12 27.62
C ASP C 130 -10.96 -15.29 26.34
N ALA C 131 -11.85 -14.34 26.14
CA ALA C 131 -11.66 -13.38 25.06
C ALA C 131 -10.37 -12.61 25.35
N ASP C 132 -9.64 -12.20 24.32
CA ASP C 132 -8.44 -11.39 24.51
C ASP C 132 -8.74 -9.91 24.71
N TYR C 133 -9.88 -9.45 24.20
CA TYR C 133 -10.32 -8.07 24.39
C TYR C 133 -11.77 -7.98 23.96
N VAL C 134 -12.42 -6.85 24.22
CA VAL C 134 -13.80 -6.64 23.75
C VAL C 134 -13.91 -5.34 22.98
N LEU C 135 -14.93 -5.27 22.12
CA LEU C 135 -15.38 -4.02 21.54
C LEU C 135 -16.71 -3.75 22.20
N PHE C 136 -16.93 -2.53 22.67
CA PHE C 136 -18.20 -2.15 23.27
C PHE C 136 -18.84 -0.97 22.56
N GLY C 137 -20.14 -1.08 22.23
CA GLY C 137 -20.89 -0.01 21.59
C GLY C 137 -22.39 -0.26 21.76
N HIS C 138 -23.28 0.60 21.27
CA HIS C 138 -22.94 1.88 20.65
CA HIS C 138 -22.96 1.88 20.64
C HIS C 138 -22.63 2.90 21.74
N VAL C 139 -21.45 3.51 21.70
CA VAL C 139 -21.12 4.50 22.74
C VAL C 139 -21.92 5.81 22.55
N PHE C 140 -22.02 6.29 21.32
CA PHE C 140 -22.85 7.46 20.99
C PHE C 140 -23.94 7.05 19.99
N GLU C 141 -25.12 7.65 20.10
CA GLU C 141 -26.19 7.36 19.14
C GLU C 141 -27.20 8.51 19.04
N GLY C 147 -30.28 16.58 24.10
CA GLY C 147 -28.98 17.06 23.67
C GLY C 147 -27.88 16.91 24.72
N LEU C 148 -27.51 15.67 25.00
CA LEU C 148 -26.62 15.34 26.12
C LEU C 148 -25.32 14.70 25.64
N GLU C 149 -24.60 14.08 26.58
CA GLU C 149 -23.48 13.22 26.26
C GLU C 149 -23.97 11.95 25.58
N GLY C 150 -23.05 11.13 25.08
CA GLY C 150 -23.41 9.88 24.44
C GLY C 150 -23.96 8.85 25.41
N ARG C 151 -25.02 8.16 24.99
CA ARG C 151 -25.74 7.20 25.82
C ARG C 151 -24.86 6.22 26.62
N GLY C 152 -23.86 5.65 25.94
CA GLY C 152 -23.07 4.57 26.51
C GLY C 152 -21.77 4.92 27.20
N VAL C 153 -21.45 6.21 27.38
CA VAL C 153 -20.15 6.56 27.96
C VAL C 153 -19.99 6.05 29.38
N SER C 154 -21.05 6.11 30.17
CA SER C 154 -20.94 5.65 31.55
C SER C 154 -20.84 4.13 31.62
N LEU C 155 -21.61 3.45 30.77
CA LEU C 155 -21.47 2.00 30.65
C LEU C 155 -20.03 1.65 30.26
N LEU C 156 -19.50 2.36 29.27
CA LEU C 156 -18.12 2.16 28.83
C LEU C 156 -17.20 2.23 30.03
N SER C 157 -17.43 3.23 30.88
CA SER C 157 -16.59 3.45 32.05
C SER C 157 -16.76 2.34 33.07
N ASP C 158 -18.00 1.92 33.29
CA ASP C 158 -18.28 0.78 34.18
C ASP C 158 -17.61 -0.52 33.71
N ILE C 159 -17.66 -0.82 32.41
CA ILE C 159 -17.07 -2.07 31.90
C ILE C 159 -15.56 -2.05 32.15
N LYS C 160 -14.94 -0.92 31.85
CA LYS C 160 -13.50 -0.75 32.06
C LYS C 160 -13.10 -1.01 33.51
N GLN C 161 -13.92 -0.52 34.43
CA GLN C 161 -13.64 -0.70 35.87
C GLN C 161 -13.78 -2.18 36.24
N ARG C 162 -14.78 -2.83 35.67
CA ARG C 162 -15.15 -4.19 36.06
C ARG C 162 -14.20 -5.29 35.56
N ILE C 163 -13.79 -5.23 34.29
CA ILE C 163 -12.96 -6.31 33.75
C ILE C 163 -11.50 -5.91 33.62
N SER C 164 -10.62 -6.88 33.44
CA SER C 164 -9.19 -6.59 33.33
C SER C 164 -8.56 -6.82 31.94
N ILE C 165 -9.36 -7.11 30.92
CA ILE C 165 -8.82 -7.15 29.54
C ILE C 165 -9.17 -5.86 28.78
N PRO C 166 -8.39 -5.56 27.72
CA PRO C 166 -8.55 -4.29 26.99
C PRO C 166 -9.96 -4.04 26.47
N VAL C 167 -10.35 -2.78 26.41
CA VAL C 167 -11.68 -2.41 25.95
C VAL C 167 -11.62 -1.37 24.83
N ILE C 168 -12.22 -1.69 23.69
CA ILE C 168 -12.21 -0.79 22.55
C ILE C 168 -13.61 -0.22 22.33
N ALA C 169 -13.70 1.10 22.22
CA ALA C 169 -15.00 1.77 22.15
C ALA C 169 -15.42 2.00 20.71
N ILE C 170 -16.71 1.78 20.42
CA ILE C 170 -17.20 1.91 19.06
C ILE C 170 -18.60 2.52 19.06
N GLY C 171 -18.97 3.19 17.96
CA GLY C 171 -20.28 3.80 17.81
C GLY C 171 -20.22 5.32 17.82
N GLY C 172 -20.28 5.94 16.65
CA GLY C 172 -20.24 7.39 16.52
C GLY C 172 -18.95 8.08 16.93
N MET C 173 -17.81 7.40 16.81
CA MET C 173 -16.51 8.01 17.14
C MET C 173 -16.11 9.11 16.15
N THR C 174 -15.77 10.26 16.70
CA THR C 174 -15.34 11.44 15.94
C THR C 174 -14.19 12.08 16.73
N PRO C 175 -13.29 12.79 16.05
CA PRO C 175 -12.14 13.42 16.72
C PRO C 175 -12.54 14.30 17.93
N ASP C 176 -13.68 15.00 17.82
CA ASP C 176 -14.18 15.82 18.94
C ASP C 176 -14.47 15.03 20.20
N ARG C 177 -15.14 13.89 20.05
CA ARG C 177 -15.61 13.11 21.19
C ARG C 177 -14.52 12.27 21.83
N LEU C 178 -13.31 12.33 21.28
CA LEU C 178 -12.26 11.44 21.74
C LEU C 178 -11.81 11.71 23.17
N ARG C 179 -11.82 12.98 23.58
CA ARG C 179 -11.45 13.33 24.95
C ARG C 179 -12.33 12.57 25.94
N ASP C 180 -13.65 12.61 25.73
CA ASP C 180 -14.61 11.95 26.60
C ASP C 180 -14.38 10.44 26.71
N VAL C 181 -14.16 9.79 25.56
CA VAL C 181 -13.93 8.35 25.52
C VAL C 181 -12.66 7.98 26.24
N LYS C 182 -11.63 8.81 26.09
CA LYS C 182 -10.36 8.56 26.78
C LYS C 182 -10.53 8.80 28.28
N GLN C 183 -11.32 9.80 28.63
CA GLN C 183 -11.66 10.06 30.03
C GLN C 183 -12.29 8.81 30.65
N ALA C 184 -13.21 8.18 29.93
CA ALA C 184 -13.90 7.00 30.48
C ALA C 184 -12.96 5.80 30.65
N GLY C 185 -11.81 5.83 29.98
CA GLY C 185 -10.79 4.80 30.19
C GLY C 185 -10.58 3.79 29.07
N ALA C 186 -11.16 4.05 27.90
CA ALA C 186 -11.00 3.17 26.74
C ALA C 186 -9.53 2.92 26.41
N ASP C 187 -9.20 1.67 26.04
CA ASP C 187 -7.87 1.32 25.54
C ASP C 187 -7.65 1.67 24.07
N GLY C 188 -8.74 2.03 23.37
CA GLY C 188 -8.67 2.32 21.95
C GLY C 188 -10.05 2.65 21.41
N ILE C 189 -10.13 3.08 20.16
CA ILE C 189 -11.40 3.38 19.51
C ILE C 189 -11.52 2.66 18.15
N ALA C 190 -12.75 2.53 17.66
CA ALA C 190 -12.98 1.91 16.36
C ALA C 190 -13.85 2.84 15.55
N VAL C 191 -13.57 2.91 14.26
CA VAL C 191 -14.18 3.90 13.39
C VAL C 191 -14.62 3.25 12.09
N MET C 192 -15.86 3.50 11.67
CA MET C 192 -16.34 3.00 10.39
C MET C 192 -16.59 4.19 9.46
N SER C 193 -17.77 4.80 9.55
CA SER C 193 -18.13 5.87 8.60
C SER C 193 -17.17 7.08 8.68
N GLY C 194 -16.63 7.37 9.85
CA GLY C 194 -15.66 8.45 10.01
C GLY C 194 -14.45 8.38 9.07
N ILE C 195 -14.14 7.21 8.54
CA ILE C 195 -13.03 7.05 7.61
C ILE C 195 -13.56 6.64 6.25
N PHE C 196 -14.32 5.56 6.21
CA PHE C 196 -14.71 4.96 4.94
C PHE C 196 -15.76 5.77 4.15
N SER C 197 -16.45 6.70 4.80
CA SER C 197 -17.42 7.56 4.10
C SER C 197 -16.82 8.89 3.65
N SER C 198 -15.57 9.14 4.06
CA SER C 198 -14.88 10.40 3.77
C SER C 198 -14.41 10.48 2.33
N ALA C 199 -14.44 11.70 1.78
CA ALA C 199 -13.96 11.95 0.43
C ALA C 199 -12.45 11.75 0.34
N GLU C 200 -11.77 11.81 1.48
CA GLU C 200 -10.33 11.55 1.58
C GLU C 200 -10.00 10.68 2.80
N PRO C 201 -10.16 9.36 2.67
CA PRO C 201 -10.03 8.49 3.84
C PRO C 201 -8.71 8.66 4.60
N LEU C 202 -7.60 8.86 3.87
CA LEU C 202 -6.30 8.96 4.52
C LEU C 202 -6.22 10.22 5.37
N GLU C 203 -6.74 11.32 4.83
CA GLU C 203 -6.82 12.57 5.60
C GLU C 203 -7.67 12.35 6.86
N ALA C 204 -8.84 11.72 6.70
CA ALA C 204 -9.71 11.44 7.84
C ALA C 204 -8.99 10.62 8.90
N ALA C 205 -8.30 9.56 8.48
CA ALA C 205 -7.60 8.70 9.43
C ALA C 205 -6.55 9.48 10.23
N ARG C 206 -5.85 10.38 9.56
CA ARG C 206 -4.84 11.21 10.22
C ARG C 206 -5.48 12.16 11.25
N ARG C 207 -6.62 12.75 10.91
CA ARG C 207 -7.39 13.53 11.89
C ARG C 207 -7.56 12.74 13.19
N TYR C 208 -7.85 11.44 13.09
CA TYR C 208 -8.05 10.64 14.29
C TYR C 208 -6.74 10.40 15.04
N SER C 209 -5.69 10.03 14.32
CA SER C 209 -4.45 9.64 14.99
C SER C 209 -3.67 10.85 15.51
N ARG C 210 -3.88 12.01 14.90
CA ARG C 210 -3.20 13.21 15.39
C ARG C 210 -3.87 13.68 16.68
N LYS C 211 -5.20 13.69 16.68
CA LYS C 211 -5.95 13.98 17.90
C LYS C 211 -5.52 13.06 19.03
N LEU C 212 -5.40 11.77 18.75
CA LEU C 212 -4.99 10.79 19.76
C LEU C 212 -3.59 11.12 20.27
N LYS C 213 -2.68 11.43 19.36
CA LYS C 213 -1.30 11.73 19.75
C LYS C 213 -1.26 12.97 20.63
N GLU C 214 -2.05 13.98 20.27
CA GLU C 214 -2.11 15.22 21.04
C GLU C 214 -2.40 14.95 22.51
N MET C 215 -3.47 14.21 22.78
CA MET C 215 -3.88 13.93 24.15
C MET C 215 -2.83 13.15 24.96
N ARG C 216 -2.03 12.33 24.30
CA ARG C 216 -1.02 11.53 24.99
C ARG C 216 0.12 12.41 25.53
N SER D 15 -31.13 -48.82 -7.19
CA SER D 15 -32.01 -47.82 -7.87
C SER D 15 -32.55 -46.81 -6.86
N HIS D 16 -31.76 -46.51 -5.83
CA HIS D 16 -32.12 -45.48 -4.86
C HIS D 16 -31.59 -44.11 -5.27
N MET D 17 -32.50 -43.22 -5.67
CA MET D 17 -32.17 -41.81 -5.87
C MET D 17 -32.33 -41.03 -4.55
N GLU D 18 -31.30 -40.28 -4.20
CA GLU D 18 -31.33 -39.41 -3.02
C GLU D 18 -32.23 -38.19 -3.23
N LEU D 19 -32.88 -37.74 -2.16
CA LEU D 19 -33.69 -36.52 -2.20
C LEU D 19 -33.09 -35.53 -1.21
N HIS D 20 -32.56 -34.42 -1.73
CA HIS D 20 -31.98 -33.37 -0.91
C HIS D 20 -32.95 -32.18 -0.88
N ALA D 21 -33.30 -31.70 0.31
CA ALA D 21 -34.16 -30.53 0.45
C ALA D 21 -33.28 -29.31 0.80
N ILE D 22 -33.47 -28.19 0.10
CA ILE D 22 -32.62 -26.99 0.26
C ILE D 22 -33.45 -25.84 0.88
N THR D 23 -33.04 -25.32 2.04
CA THR D 23 -33.83 -24.26 2.67
C THR D 23 -33.77 -22.99 1.80
N ASP D 24 -34.74 -22.11 1.95
CA ASP D 24 -34.96 -21.08 0.95
C ASP D 24 -34.67 -19.64 1.40
N ASP D 25 -33.96 -19.49 2.52
CA ASP D 25 -33.51 -18.17 2.98
C ASP D 25 -34.65 -17.14 2.99
N SER D 26 -35.81 -17.48 3.54
CA SER D 26 -36.94 -16.55 3.52
C SER D 26 -37.74 -16.49 4.82
N LYS D 27 -37.52 -17.42 5.74
CA LYS D 27 -38.41 -17.57 6.90
C LYS D 27 -37.71 -17.28 8.20
N PRO D 28 -38.45 -16.81 9.22
CA PRO D 28 -37.83 -16.68 10.55
C PRO D 28 -37.42 -18.03 11.13
N VAL D 29 -36.44 -17.97 12.02
CA VAL D 29 -35.76 -19.15 12.53
C VAL D 29 -36.71 -20.17 13.19
N GLU D 30 -37.63 -19.69 14.03
CA GLU D 30 -38.58 -20.58 14.71
C GLU D 30 -39.50 -21.34 13.72
N GLU D 31 -39.92 -20.65 12.67
CA GLU D 31 -40.75 -21.24 11.65
C GLU D 31 -39.98 -22.30 10.83
N LEU D 32 -38.78 -21.94 10.37
CA LEU D 32 -37.94 -22.84 9.60
C LEU D 32 -37.60 -24.10 10.41
N ALA D 33 -37.27 -23.95 11.69
CA ALA D 33 -36.98 -25.11 12.53
C ALA D 33 -38.15 -26.12 12.57
N ARG D 34 -39.37 -25.63 12.69
CA ARG D 34 -40.54 -26.52 12.73
C ARG D 34 -40.72 -27.29 11.42
N ILE D 35 -40.50 -26.61 10.28
CA ILE D 35 -40.57 -27.29 8.98
C ILE D 35 -39.49 -28.39 8.83
N ILE D 36 -38.24 -28.08 9.18
CA ILE D 36 -37.15 -29.04 9.11
C ILE D 36 -37.47 -30.33 9.92
N ILE D 37 -37.97 -30.17 11.15
CA ILE D 37 -38.32 -31.35 11.96
C ILE D 37 -39.49 -32.14 11.33
N THR D 38 -40.44 -31.44 10.73
CA THR D 38 -41.61 -32.05 10.13
C THR D 38 -41.32 -32.92 8.90
N ILE D 39 -40.41 -32.49 8.04
CA ILE D 39 -40.13 -33.20 6.78
C ILE D 39 -38.96 -34.20 6.85
N GLN D 40 -38.31 -34.34 8.01
CA GLN D 40 -37.05 -35.08 8.11
C GLN D 40 -37.12 -36.55 7.64
N ASN D 41 -38.27 -37.20 7.78
CA ASN D 41 -38.36 -38.60 7.39
C ASN D 41 -38.75 -38.81 5.92
N GLU D 42 -39.04 -37.73 5.21
CA GLU D 42 -39.40 -37.86 3.79
C GLU D 42 -38.22 -37.53 2.88
N VAL D 43 -37.12 -37.06 3.45
CA VAL D 43 -35.94 -36.67 2.65
C VAL D 43 -34.68 -37.33 3.18
N ASP D 44 -33.65 -37.41 2.35
CA ASP D 44 -32.37 -37.97 2.78
C ASP D 44 -31.40 -36.91 3.37
N PHE D 45 -31.39 -35.70 2.83
CA PHE D 45 -30.51 -34.64 3.38
C PHE D 45 -31.25 -33.29 3.39
N ILE D 46 -30.92 -32.44 4.37
CA ILE D 46 -31.42 -31.07 4.38
C ILE D 46 -30.24 -30.09 4.36
N HIS D 47 -30.17 -29.23 3.34
CA HIS D 47 -29.09 -28.25 3.23
C HIS D 47 -29.51 -26.91 3.86
N ILE D 48 -28.77 -26.44 4.85
CA ILE D 48 -29.03 -25.17 5.47
C ILE D 48 -28.36 -24.11 4.59
N ARG D 49 -29.17 -23.36 3.85
CA ARG D 49 -28.65 -22.36 2.89
C ARG D 49 -29.25 -20.97 3.18
N GLU D 50 -29.07 -20.49 4.40
CA GLU D 50 -29.67 -19.23 4.82
C GLU D 50 -28.68 -18.07 4.63
N ARG D 51 -28.44 -17.69 3.37
CA ARG D 51 -27.45 -16.67 2.96
C ARG D 51 -27.59 -15.30 3.63
N SER D 52 -28.81 -14.87 3.89
CA SER D 52 -29.05 -13.56 4.50
C SER D 52 -29.05 -13.57 6.03
N LYS D 53 -28.88 -14.74 6.67
CA LYS D 53 -28.87 -14.80 8.13
C LYS D 53 -27.46 -14.70 8.69
N SER D 54 -27.34 -14.12 9.88
CA SER D 54 -26.05 -14.09 10.58
C SER D 54 -25.74 -15.46 11.19
N ALA D 55 -24.48 -15.65 11.60
CA ALA D 55 -24.09 -16.86 12.33
C ALA D 55 -24.90 -17.06 13.62
N ALA D 56 -25.12 -15.98 14.37
CA ALA D 56 -25.92 -16.04 15.60
C ALA D 56 -27.32 -16.58 15.34
N ASP D 57 -27.95 -16.17 14.24
CA ASP D 57 -29.26 -16.65 13.89
C ASP D 57 -29.22 -18.12 13.46
N ILE D 58 -28.20 -18.51 12.71
CA ILE D 58 -28.10 -19.90 12.24
C ILE D 58 -27.81 -20.82 13.44
N LEU D 59 -26.93 -20.38 14.35
CA LEU D 59 -26.67 -21.17 15.57
C LEU D 59 -27.93 -21.31 16.45
N LYS D 60 -28.82 -20.33 16.40
CA LYS D 60 -30.10 -20.43 17.12
C LYS D 60 -31.03 -21.45 16.41
N LEU D 61 -31.04 -21.43 15.08
CA LEU D 61 -31.80 -22.42 14.29
C LEU D 61 -31.36 -23.82 14.66
N LEU D 62 -30.05 -24.04 14.69
CA LEU D 62 -29.48 -25.35 14.93
C LEU D 62 -29.83 -25.80 16.34
N ASP D 63 -29.71 -24.89 17.29
CA ASP D 63 -30.14 -25.21 18.64
C ASP D 63 -31.61 -25.67 18.73
N LEU D 64 -32.52 -25.00 18.02
CA LEU D 64 -33.93 -25.41 18.01
C LEU D 64 -34.13 -26.80 17.38
N ILE D 65 -33.45 -27.12 16.29
CA ILE D 65 -33.68 -28.44 15.67
C ILE D 65 -32.93 -29.58 16.41
N PHE D 66 -31.78 -29.28 17.02
CA PHE D 66 -31.09 -30.28 17.85
C PHE D 66 -31.94 -30.70 19.05
N GLU D 67 -32.46 -29.72 19.79
CA GLU D 67 -33.31 -30.00 20.95
C GLU D 67 -34.68 -30.55 20.52
N GLY D 68 -35.06 -30.31 19.26
CA GLY D 68 -36.27 -30.89 18.70
C GLY D 68 -36.04 -32.31 18.19
N GLY D 69 -34.79 -32.78 18.25
CA GLY D 69 -34.49 -34.20 18.08
C GLY D 69 -34.02 -34.65 16.71
N ILE D 70 -33.71 -33.69 15.83
CA ILE D 70 -33.25 -33.95 14.46
C ILE D 70 -32.08 -34.93 14.41
N ASP D 71 -32.03 -35.73 13.35
CA ASP D 71 -30.88 -36.59 13.09
C ASP D 71 -29.77 -35.78 12.40
N LYS D 72 -28.68 -35.50 13.12
CA LYS D 72 -27.63 -34.60 12.64
C LYS D 72 -26.94 -35.09 11.38
N ARG D 73 -26.96 -36.40 11.14
CA ARG D 73 -26.30 -36.95 9.98
C ARG D 73 -27.01 -36.54 8.68
N LYS D 74 -28.25 -36.08 8.75
CA LYS D 74 -28.94 -35.66 7.53
C LYS D 74 -28.65 -34.20 7.17
N LEU D 75 -27.96 -33.48 8.05
CA LEU D 75 -27.75 -32.05 7.86
C LEU D 75 -26.52 -31.73 7.01
N VAL D 76 -26.66 -30.77 6.10
CA VAL D 76 -25.53 -30.28 5.29
C VAL D 76 -25.47 -28.76 5.44
N MET D 77 -24.31 -28.20 5.80
CA MET D 77 -24.15 -26.74 5.85
C MET D 77 -23.68 -26.22 4.48
N ASN D 78 -24.45 -25.31 3.88
CA ASN D 78 -24.00 -24.66 2.67
C ASN D 78 -23.12 -23.44 3.02
N GLY D 79 -21.86 -23.41 2.55
CA GLY D 79 -21.05 -22.20 2.63
C GLY D 79 -20.27 -22.00 3.93
N ARG D 80 -20.96 -22.06 5.07
CA ARG D 80 -20.35 -21.81 6.39
C ARG D 80 -19.63 -23.02 6.97
N VAL D 81 -18.42 -23.26 6.50
CA VAL D 81 -17.64 -24.36 7.03
C VAL D 81 -17.47 -24.22 8.54
N ASP D 82 -17.25 -22.99 9.02
CA ASP D 82 -17.03 -22.74 10.44
C ASP D 82 -18.26 -23.15 11.25
N ILE D 83 -19.46 -22.85 10.76
CA ILE D 83 -20.67 -23.27 11.47
C ILE D 83 -20.73 -24.80 11.55
N ALA D 84 -20.42 -25.48 10.45
CA ALA D 84 -20.44 -26.93 10.44
C ALA D 84 -19.51 -27.51 11.52
N LEU D 85 -18.27 -27.04 11.54
CA LEU D 85 -17.27 -27.53 12.50
C LEU D 85 -17.70 -27.47 13.97
N PHE D 86 -18.17 -26.30 14.40
CA PHE D 86 -18.43 -26.11 15.82
C PHE D 86 -19.83 -26.56 16.18
N SER D 87 -20.47 -27.29 15.26
CA SER D 87 -21.83 -27.80 15.49
C SER D 87 -21.96 -29.32 15.35
N THR D 88 -20.84 -30.03 15.16
CA THR D 88 -20.88 -31.47 14.89
C THR D 88 -21.75 -31.83 13.65
N ILE D 89 -21.79 -30.93 12.68
CA ILE D 89 -22.33 -31.27 11.36
C ILE D 89 -21.14 -31.74 10.50
N HIS D 90 -21.32 -32.85 9.79
CA HIS D 90 -20.23 -33.52 9.09
C HIS D 90 -20.23 -33.33 7.57
N ARG D 91 -21.12 -32.50 7.03
CA ARG D 91 -21.24 -32.34 5.58
C ARG D 91 -21.35 -30.87 5.22
N VAL D 92 -20.59 -30.44 4.22
CA VAL D 92 -20.62 -29.05 3.75
C VAL D 92 -20.79 -29.04 2.22
N GLN D 93 -21.52 -28.05 1.70
CA GLN D 93 -21.68 -27.85 0.27
C GLN D 93 -20.96 -26.54 -0.10
N LEU D 94 -19.99 -26.59 -1.02
CA LEU D 94 -19.15 -25.41 -1.31
C LEU D 94 -19.56 -24.67 -2.57
N PRO D 95 -19.89 -23.39 -2.43
CA PRO D 95 -20.28 -22.64 -3.63
C PRO D 95 -19.13 -22.43 -4.61
N SER D 96 -19.52 -22.13 -5.85
CA SER D 96 -18.57 -21.83 -6.90
C SER D 96 -17.75 -20.59 -6.53
N GLY D 97 -16.43 -20.73 -6.49
CA GLY D 97 -15.58 -19.58 -6.18
C GLY D 97 -15.14 -19.48 -4.72
N SER D 98 -15.64 -20.34 -3.85
CA SER D 98 -15.26 -20.30 -2.43
C SER D 98 -14.07 -21.23 -2.18
N PHE D 99 -13.97 -21.85 -1.00
CA PHE D 99 -12.82 -22.73 -0.68
C PHE D 99 -12.74 -23.95 -1.60
N SER D 100 -11.53 -24.47 -1.80
CA SER D 100 -11.38 -25.75 -2.49
C SER D 100 -11.49 -26.92 -1.50
N PRO D 101 -12.02 -28.04 -1.96
CA PRO D 101 -12.18 -29.21 -1.08
C PRO D 101 -10.84 -29.72 -0.52
N LYS D 102 -9.75 -29.53 -1.25
CA LYS D 102 -8.43 -29.98 -0.81
C LYS D 102 -7.95 -29.20 0.41
N GLN D 103 -8.16 -27.89 0.38
CA GLN D 103 -7.90 -27.04 1.54
C GLN D 103 -8.63 -27.55 2.77
N ILE D 104 -9.93 -27.77 2.59
CA ILE D 104 -10.79 -28.13 3.70
C ILE D 104 -10.43 -29.50 4.24
N ARG D 105 -10.19 -30.46 3.35
CA ARG D 105 -9.88 -31.82 3.78
C ARG D 105 -8.53 -31.90 4.49
N ALA D 106 -7.59 -31.04 4.13
CA ALA D 106 -6.28 -31.06 4.76
C ALA D 106 -6.40 -30.84 6.27
N ARG D 107 -7.29 -29.93 6.67
CA ARG D 107 -7.44 -29.58 8.09
C ARG D 107 -8.60 -30.30 8.79
N PHE D 108 -9.62 -30.70 8.03
CA PHE D 108 -10.82 -31.30 8.62
C PHE D 108 -11.20 -32.55 7.83
N PRO D 109 -10.36 -33.58 7.90
CA PRO D 109 -10.61 -34.75 7.04
C PRO D 109 -11.82 -35.59 7.46
N HIS D 110 -12.49 -35.28 8.57
CA HIS D 110 -13.75 -35.98 8.87
C HIS D 110 -14.96 -35.45 8.08
N LEU D 111 -14.79 -34.38 7.30
CA LEU D 111 -15.93 -33.79 6.58
C LEU D 111 -16.17 -34.42 5.21
N HIS D 112 -17.45 -34.61 4.87
CA HIS D 112 -17.86 -35.02 3.52
CA HIS D 112 -17.83 -35.02 3.52
C HIS D 112 -18.13 -33.74 2.75
N ILE D 113 -17.62 -33.64 1.52
CA ILE D 113 -17.60 -32.35 0.83
C ILE D 113 -18.20 -32.30 -0.59
N GLY D 114 -19.23 -31.49 -0.78
CA GLY D 114 -19.80 -31.33 -2.12
C GLY D 114 -19.41 -30.01 -2.76
N ARG D 115 -19.40 -29.98 -4.09
CA ARG D 115 -19.20 -28.76 -4.85
C ARG D 115 -20.40 -28.45 -5.76
N SER D 116 -20.83 -27.19 -5.77
CA SER D 116 -21.88 -26.73 -6.66
C SER D 116 -21.24 -26.32 -8.01
N VAL D 117 -21.64 -26.94 -9.12
CA VAL D 117 -21.00 -26.71 -10.43
C VAL D 117 -22.06 -26.42 -11.49
N HIS D 118 -21.67 -25.69 -12.53
CA HIS D 118 -22.61 -25.16 -13.51
C HIS D 118 -22.19 -25.42 -14.95
N SER D 119 -21.16 -26.23 -15.13
CA SER D 119 -20.71 -26.57 -16.47
C SER D 119 -19.93 -27.87 -16.42
N LEU D 120 -19.70 -28.46 -17.59
CA LEU D 120 -18.93 -29.68 -17.69
C LEU D 120 -17.50 -29.49 -17.16
N GLU D 121 -16.85 -28.40 -17.58
CA GLU D 121 -15.47 -28.13 -17.17
C GLU D 121 -15.31 -27.87 -15.66
N GLU D 122 -16.25 -27.11 -15.07
CA GLU D 122 -16.23 -26.90 -13.62
C GLU D 122 -16.45 -28.23 -12.87
N ALA D 123 -17.26 -29.13 -13.44
CA ALA D 123 -17.49 -30.45 -12.82
C ALA D 123 -16.22 -31.29 -12.88
N VAL D 124 -15.54 -31.27 -14.02
CA VAL D 124 -14.29 -32.00 -14.17
C VAL D 124 -13.28 -31.49 -13.18
N GLN D 125 -13.20 -30.17 -13.04
CA GLN D 125 -12.26 -29.56 -12.10
C GLN D 125 -12.59 -29.89 -10.63
N ALA D 126 -13.88 -29.92 -10.26
CA ALA D 126 -14.27 -30.31 -8.90
C ALA D 126 -13.78 -31.71 -8.56
N GLU D 127 -13.88 -32.64 -9.50
CA GLU D 127 -13.38 -33.99 -9.22
C GLU D 127 -11.86 -33.98 -9.06
N LYS D 128 -11.17 -33.14 -9.83
CA LYS D 128 -9.72 -33.06 -9.77
C LYS D 128 -9.32 -32.51 -8.41
N GLU D 129 -10.12 -31.60 -7.88
CA GLU D 129 -9.82 -30.99 -6.58
C GLU D 129 -10.40 -31.82 -5.43
N ASP D 130 -10.78 -33.06 -5.73
CA ASP D 130 -11.12 -34.04 -4.70
C ASP D 130 -12.49 -33.85 -3.99
N ALA D 131 -13.47 -33.26 -4.68
CA ALA D 131 -14.84 -33.27 -4.16
C ALA D 131 -15.34 -34.71 -3.99
N ASP D 132 -16.22 -34.93 -3.03
CA ASP D 132 -16.87 -36.24 -2.87
C ASP D 132 -18.09 -36.39 -3.81
N TYR D 133 -18.67 -35.28 -4.24
CA TYR D 133 -19.86 -35.30 -5.13
C TYR D 133 -20.09 -33.87 -5.64
N VAL D 134 -20.94 -33.71 -6.65
CA VAL D 134 -21.29 -32.38 -7.15
C VAL D 134 -22.82 -32.22 -7.19
N LEU D 135 -23.26 -30.97 -7.03
CA LEU D 135 -24.62 -30.56 -7.34
C LEU D 135 -24.53 -29.80 -8.67
N PHE D 136 -25.17 -30.29 -9.73
CA PHE D 136 -25.12 -29.64 -11.02
C PHE D 136 -26.45 -28.99 -11.36
N GLY D 137 -26.43 -27.70 -11.72
CA GLY D 137 -27.65 -27.00 -12.14
C GLY D 137 -27.36 -25.74 -12.95
N HIS D 138 -28.40 -25.02 -13.39
CA HIS D 138 -29.80 -25.36 -13.17
C HIS D 138 -30.26 -26.20 -14.37
N VAL D 139 -30.83 -27.38 -14.13
CA VAL D 139 -31.18 -28.30 -15.21
C VAL D 139 -32.36 -27.79 -16.03
N PHE D 140 -33.45 -27.41 -15.35
CA PHE D 140 -34.63 -26.85 -16.01
C PHE D 140 -34.85 -25.37 -15.68
N GLU D 141 -35.59 -24.68 -16.55
CA GLU D 141 -35.95 -23.28 -16.29
C GLU D 141 -37.01 -23.20 -15.19
N GLY D 150 -32.56 -23.02 -19.03
CA GLY D 150 -32.18 -24.29 -18.43
C GLY D 150 -31.05 -24.94 -19.19
N ARG D 151 -30.11 -25.56 -18.46
CA ARG D 151 -28.93 -26.17 -19.09
C ARG D 151 -29.15 -27.55 -19.75
N GLY D 152 -30.22 -28.26 -19.40
CA GLY D 152 -30.57 -29.47 -20.12
C GLY D 152 -30.11 -30.76 -19.47
N VAL D 153 -30.87 -31.83 -19.74
CA VAL D 153 -30.54 -33.15 -19.24
C VAL D 153 -29.42 -33.76 -20.09
N SER D 154 -29.24 -33.22 -21.29
CA SER D 154 -28.16 -33.68 -22.17
C SER D 154 -26.78 -33.43 -21.52
N LEU D 155 -26.59 -32.24 -20.96
CA LEU D 155 -25.33 -31.90 -20.28
C LEU D 155 -25.17 -32.72 -18.98
N LEU D 156 -26.28 -32.97 -18.28
CA LEU D 156 -26.28 -33.85 -17.09
C LEU D 156 -25.71 -35.25 -17.42
N SER D 157 -26.22 -35.83 -18.49
CA SER D 157 -25.82 -37.15 -18.95
C SER D 157 -24.34 -37.21 -19.36
N ASP D 158 -23.86 -36.13 -19.98
CA ASP D 158 -22.43 -35.99 -20.37
C ASP D 158 -21.53 -35.89 -19.13
N ILE D 159 -21.89 -35.01 -18.19
CA ILE D 159 -21.14 -34.88 -16.94
C ILE D 159 -21.03 -36.24 -16.26
N LYS D 160 -22.15 -36.96 -16.23
CA LYS D 160 -22.20 -38.21 -15.52
C LYS D 160 -21.21 -39.25 -16.08
N GLN D 161 -21.01 -39.28 -17.41
CA GLN D 161 -20.02 -40.20 -17.99
C GLN D 161 -18.58 -39.66 -17.85
N ARG D 162 -18.44 -38.34 -17.79
CA ARG D 162 -17.13 -37.70 -17.71
C ARG D 162 -16.41 -37.88 -16.36
N ILE D 163 -17.17 -37.83 -15.26
CA ILE D 163 -16.57 -37.93 -13.93
C ILE D 163 -17.05 -39.19 -13.18
N SER D 164 -16.29 -39.58 -12.18
CA SER D 164 -16.66 -40.76 -11.39
C SER D 164 -16.95 -40.48 -9.91
N ILE D 165 -17.59 -39.34 -9.64
CA ILE D 165 -18.22 -39.10 -8.35
C ILE D 165 -19.72 -38.83 -8.57
N PRO D 166 -20.55 -38.95 -7.51
CA PRO D 166 -21.99 -38.81 -7.77
C PRO D 166 -22.41 -37.42 -8.25
N VAL D 167 -23.53 -37.34 -8.96
CA VAL D 167 -24.08 -36.08 -9.45
C VAL D 167 -25.52 -35.87 -8.98
N ILE D 168 -25.75 -34.77 -8.27
CA ILE D 168 -27.08 -34.44 -7.78
C ILE D 168 -27.63 -33.31 -8.66
N ALA D 169 -28.79 -33.56 -9.27
CA ALA D 169 -29.41 -32.60 -10.20
C ALA D 169 -30.23 -31.53 -9.45
N ILE D 170 -30.07 -30.26 -9.82
CA ILE D 170 -30.85 -29.19 -9.18
C ILE D 170 -31.36 -28.13 -10.18
N GLY D 171 -32.49 -27.50 -9.88
CA GLY D 171 -33.03 -26.39 -10.66
C GLY D 171 -34.31 -26.78 -11.38
N GLY D 172 -35.46 -26.38 -10.82
CA GLY D 172 -36.74 -26.70 -11.42
C GLY D 172 -37.20 -28.16 -11.29
N MET D 173 -36.66 -28.90 -10.32
CA MET D 173 -37.09 -30.28 -10.09
C MET D 173 -38.53 -30.35 -9.56
N THR D 174 -39.40 -30.98 -10.33
CA THR D 174 -40.79 -31.25 -9.91
C THR D 174 -41.07 -32.74 -10.02
N PRO D 175 -42.16 -33.23 -9.38
CA PRO D 175 -42.45 -34.68 -9.41
C PRO D 175 -42.54 -35.28 -10.83
N ASP D 176 -43.10 -34.55 -11.78
CA ASP D 176 -43.25 -35.14 -13.11
C ASP D 176 -42.06 -34.88 -14.03
N ARG D 177 -40.95 -34.40 -13.47
CA ARG D 177 -39.67 -34.40 -14.19
C ARG D 177 -38.69 -35.45 -13.67
N LEU D 178 -39.05 -36.13 -12.58
CA LEU D 178 -38.08 -36.98 -11.89
C LEU D 178 -37.66 -38.19 -12.73
N ARG D 179 -38.58 -38.75 -13.50
CA ARG D 179 -38.26 -39.93 -14.30
C ARG D 179 -37.26 -39.58 -15.40
N ASP D 180 -37.41 -38.42 -16.02
CA ASP D 180 -36.49 -38.01 -17.08
C ASP D 180 -35.08 -37.81 -16.51
N VAL D 181 -35.03 -37.28 -15.30
CA VAL D 181 -33.77 -36.97 -14.64
C VAL D 181 -33.06 -38.26 -14.20
N LYS D 182 -33.82 -39.22 -13.68
CA LYS D 182 -33.22 -40.46 -13.23
C LYS D 182 -32.82 -41.36 -14.43
N GLN D 183 -33.64 -41.38 -15.47
CA GLN D 183 -33.28 -42.12 -16.70
C GLN D 183 -31.95 -41.61 -17.26
N ALA D 184 -31.72 -40.30 -17.19
CA ALA D 184 -30.49 -39.69 -17.71
C ALA D 184 -29.28 -39.90 -16.79
N GLY D 185 -29.48 -40.55 -15.64
CA GLY D 185 -28.37 -41.00 -14.80
C GLY D 185 -28.06 -40.21 -13.52
N ALA D 186 -28.89 -39.24 -13.14
CA ALA D 186 -28.68 -38.53 -11.89
C ALA D 186 -28.66 -39.50 -10.71
N ASP D 187 -27.76 -39.28 -9.74
CA ASP D 187 -27.74 -40.04 -8.50
C ASP D 187 -28.74 -39.52 -7.44
N GLY D 188 -29.30 -38.34 -7.69
CA GLY D 188 -30.30 -37.77 -6.79
C GLY D 188 -30.77 -36.43 -7.31
N ILE D 189 -31.78 -35.85 -6.67
CA ILE D 189 -32.25 -34.52 -7.02
C ILE D 189 -32.31 -33.63 -5.78
N ALA D 190 -32.23 -32.31 -6.00
CA ALA D 190 -32.26 -31.31 -4.94
C ALA D 190 -33.45 -30.39 -5.23
N VAL D 191 -34.20 -30.08 -4.17
CA VAL D 191 -35.45 -29.33 -4.31
C VAL D 191 -35.47 -28.16 -3.33
N MET D 192 -35.70 -26.94 -3.81
CA MET D 192 -35.86 -25.80 -2.91
C MET D 192 -37.33 -25.38 -2.85
N SER D 193 -37.81 -24.64 -3.86
CA SER D 193 -39.16 -24.06 -3.80
C SER D 193 -40.28 -25.14 -3.76
N GLY D 194 -40.09 -26.25 -4.48
CA GLY D 194 -41.05 -27.33 -4.50
C GLY D 194 -41.43 -27.88 -3.13
N ILE D 195 -40.59 -27.65 -2.12
CA ILE D 195 -40.94 -28.04 -0.74
C ILE D 195 -41.12 -26.80 0.18
N PHE D 196 -40.14 -25.91 0.20
CA PHE D 196 -40.17 -24.78 1.14
C PHE D 196 -41.06 -23.61 0.70
N SER D 197 -41.53 -23.60 -0.54
CA SER D 197 -42.52 -22.60 -0.94
C SER D 197 -43.95 -23.12 -0.82
N SER D 198 -44.12 -24.35 -0.33
CA SER D 198 -45.47 -24.86 -0.14
C SER D 198 -45.97 -24.53 1.28
N ALA D 199 -47.23 -24.15 1.40
CA ALA D 199 -47.79 -23.91 2.72
C ALA D 199 -48.10 -25.24 3.39
N GLU D 200 -47.91 -26.33 2.66
CA GLU D 200 -48.05 -27.69 3.20
C GLU D 200 -46.78 -28.53 2.95
N PRO D 201 -45.67 -28.15 3.60
CA PRO D 201 -44.38 -28.77 3.24
C PRO D 201 -44.30 -30.29 3.41
N LEU D 202 -44.99 -30.89 4.38
CA LEU D 202 -45.00 -32.34 4.51
C LEU D 202 -45.63 -33.05 3.28
N GLU D 203 -46.80 -32.59 2.83
CA GLU D 203 -47.40 -33.19 1.63
C GLU D 203 -46.55 -32.91 0.39
N ALA D 204 -45.97 -31.71 0.30
CA ALA D 204 -45.15 -31.42 -0.86
C ALA D 204 -44.01 -32.41 -0.93
N ALA D 205 -43.33 -32.61 0.20
CA ALA D 205 -42.21 -33.54 0.27
C ALA D 205 -42.65 -34.97 -0.07
N ARG D 206 -43.80 -35.39 0.47
CA ARG D 206 -44.39 -36.70 0.15
C ARG D 206 -44.67 -36.91 -1.34
N ARG D 207 -45.11 -35.87 -2.06
CA ARG D 207 -45.27 -36.02 -3.51
C ARG D 207 -43.95 -36.42 -4.21
N TYR D 208 -42.80 -35.89 -3.74
CA TYR D 208 -41.49 -36.29 -4.29
C TYR D 208 -41.14 -37.72 -3.89
N SER D 209 -41.13 -37.99 -2.58
CA SER D 209 -40.72 -39.31 -2.10
C SER D 209 -41.62 -40.47 -2.60
N ARG D 210 -42.91 -40.21 -2.76
CA ARG D 210 -43.82 -41.21 -3.30
C ARG D 210 -43.47 -41.53 -4.74
N LYS D 211 -43.25 -40.48 -5.53
CA LYS D 211 -42.90 -40.65 -6.93
C LYS D 211 -41.62 -41.49 -7.02
N LEU D 212 -40.64 -41.19 -6.17
CA LEU D 212 -39.38 -41.95 -6.15
C LEU D 212 -39.59 -43.44 -5.80
N LYS D 213 -40.39 -43.72 -4.77
CA LYS D 213 -40.66 -45.11 -4.41
C LYS D 213 -41.35 -45.85 -5.53
N GLU D 214 -42.36 -45.23 -6.14
CA GLU D 214 -43.04 -45.82 -7.28
C GLU D 214 -42.08 -46.25 -8.37
N MET D 215 -41.14 -45.37 -8.73
CA MET D 215 -40.20 -45.67 -9.81
C MET D 215 -39.36 -46.89 -9.47
N ARG D 216 -39.00 -47.05 -8.20
CA ARG D 216 -38.28 -48.24 -7.76
C ARG D 216 -39.11 -49.52 -7.92
N TYR D 217 -40.37 -49.48 -7.52
CA TYR D 217 -41.20 -50.68 -7.40
C TYR D 217 -41.71 -51.18 -8.74
N GLU D 218 -41.68 -50.34 -9.77
CA GLU D 218 -42.21 -50.73 -11.07
C GLU D 218 -41.11 -50.83 -12.13
#